data_2KXY
#
_entry.id   2KXY
#
_entity_poly.entity_id   1
_entity_poly.type   'polypeptide(L)'
_entity_poly.pdbx_seq_one_letter_code
;KISLRKLSKSVPVKLELTGDKASNVSSISYSFDRGHVTIVGSQEAMDKIDSITVPVDISQVTEDTSKTLELKAEGVTVQP
STVKVNLKVTQKLEHHHHHH
;
_entity_poly.pdbx_strand_id   A
#
# COMPACT_ATOMS: atom_id res chain seq x y z
N LYS A 1 26.79 -23.94 -6.48
CA LYS A 1 26.70 -22.75 -5.59
C LYS A 1 26.23 -21.55 -6.40
N ILE A 2 25.72 -21.81 -7.61
CA ILE A 2 25.25 -20.74 -8.49
C ILE A 2 26.37 -19.70 -8.73
N SER A 3 27.08 -19.86 -9.84
CA SER A 3 28.17 -18.94 -10.18
C SER A 3 27.65 -17.52 -10.37
N LEU A 4 26.49 -17.42 -11.01
CA LEU A 4 25.86 -16.12 -11.25
C LEU A 4 25.43 -15.51 -9.92
N ARG A 5 25.48 -14.17 -9.86
CA ARG A 5 25.14 -13.42 -8.64
C ARG A 5 24.14 -12.32 -8.95
N LYS A 6 23.20 -12.62 -9.86
CA LYS A 6 22.16 -11.66 -10.28
C LYS A 6 20.81 -12.35 -10.29
N LEU A 7 19.81 -11.70 -9.68
CA LEU A 7 18.47 -12.24 -9.63
C LEU A 7 17.50 -11.14 -9.25
N SER A 8 16.25 -11.30 -9.69
CA SER A 8 15.20 -10.33 -9.39
C SER A 8 13.88 -11.04 -9.21
N LYS A 9 13.03 -10.49 -8.35
CA LYS A 9 11.71 -11.07 -8.04
C LYS A 9 10.72 -9.95 -7.82
N SER A 10 9.45 -10.35 -7.81
CA SER A 10 8.33 -9.41 -7.60
C SER A 10 7.64 -9.72 -6.28
N VAL A 11 7.33 -8.67 -5.52
CA VAL A 11 6.67 -8.79 -4.21
C VAL A 11 5.43 -7.85 -4.18
N PRO A 12 4.22 -8.35 -4.38
CA PRO A 12 3.00 -7.48 -4.33
C PRO A 12 2.88 -6.73 -3.00
N VAL A 13 2.39 -5.49 -3.06
CA VAL A 13 2.21 -4.66 -1.87
C VAL A 13 0.84 -4.90 -1.27
N LYS A 14 0.77 -4.97 0.06
CA LYS A 14 -0.48 -5.20 0.78
C LYS A 14 -0.76 -4.01 1.68
N LEU A 15 -1.85 -3.29 1.42
CA LEU A 15 -2.21 -2.12 2.23
C LEU A 15 -3.10 -2.57 3.38
N GLU A 16 -2.81 -2.04 4.58
CA GLU A 16 -3.58 -2.37 5.79
C GLU A 16 -4.12 -1.06 6.38
N LEU A 17 -5.44 -0.95 6.41
CA LEU A 17 -6.09 0.24 6.94
C LEU A 17 -5.82 0.33 8.44
N THR A 18 -5.29 1.48 8.88
CA THR A 18 -4.98 1.72 10.31
C THR A 18 -5.64 3.02 10.75
N GLY A 19 -6.28 2.97 11.90
CA GLY A 19 -6.96 4.15 12.48
C GLY A 19 -8.45 3.92 12.51
N ASP A 20 -9.16 4.74 13.28
CA ASP A 20 -10.62 4.65 13.38
C ASP A 20 -11.25 5.36 12.18
N LYS A 21 -12.29 4.74 11.62
CA LYS A 21 -13.00 5.31 10.48
C LYS A 21 -13.73 6.59 10.89
N ALA A 22 -13.69 7.60 10.03
CA ALA A 22 -14.36 8.87 10.30
C ALA A 22 -15.89 8.64 10.38
N SER A 23 -16.54 9.38 11.28
CA SER A 23 -17.99 9.27 11.47
C SER A 23 -18.75 9.81 10.25
N ASN A 24 -18.11 10.71 9.49
CA ASN A 24 -18.74 11.32 8.31
C ASN A 24 -18.44 10.52 7.04
N VAL A 25 -17.72 9.39 7.20
CA VAL A 25 -17.35 8.50 6.07
C VAL A 25 -17.98 7.12 6.29
N SER A 26 -18.72 6.64 5.29
CA SER A 26 -19.36 5.33 5.35
C SER A 26 -18.33 4.23 5.14
N SER A 27 -17.44 4.44 4.16
CA SER A 27 -16.39 3.48 3.84
C SER A 27 -15.31 4.14 2.98
N ILE A 28 -14.13 3.48 2.93
CA ILE A 28 -12.97 3.98 2.16
C ILE A 28 -12.43 2.84 1.30
N SER A 29 -11.92 3.22 0.12
CA SER A 29 -11.35 2.27 -0.85
C SER A 29 -10.02 2.80 -1.34
N TYR A 30 -9.21 1.90 -1.91
CA TYR A 30 -7.89 2.27 -2.43
C TYR A 30 -7.56 1.44 -3.66
N SER A 31 -6.70 1.98 -4.51
CA SER A 31 -6.29 1.29 -5.75
C SER A 31 -4.82 1.61 -6.04
N PHE A 32 -4.27 0.90 -7.03
CA PHE A 32 -2.87 1.08 -7.43
C PHE A 32 -2.73 0.85 -8.93
N ASP A 33 -1.79 1.57 -9.55
CA ASP A 33 -1.53 1.45 -10.99
C ASP A 33 -0.80 0.15 -11.32
N ARG A 34 0.06 -0.29 -10.39
CA ARG A 34 0.87 -1.52 -10.57
C ARG A 34 0.83 -2.38 -9.32
N GLY A 35 1.09 -1.76 -8.17
CA GLY A 35 1.07 -2.47 -6.90
C GLY A 35 2.10 -3.59 -6.88
N HIS A 36 3.09 -3.52 -7.77
CA HIS A 36 4.17 -4.51 -7.85
C HIS A 36 5.48 -3.80 -8.16
N VAL A 37 6.55 -4.22 -7.48
CA VAL A 37 7.88 -3.64 -7.67
C VAL A 37 8.89 -4.77 -7.80
N THR A 38 10.06 -4.44 -8.33
CA THR A 38 11.15 -5.40 -8.52
C THR A 38 12.18 -5.19 -7.42
N ILE A 39 12.64 -6.30 -6.83
CA ILE A 39 13.65 -6.29 -5.77
C ILE A 39 14.86 -7.09 -6.22
N VAL A 40 16.05 -6.69 -5.73
CA VAL A 40 17.31 -7.37 -6.09
C VAL A 40 18.11 -7.64 -4.82
N GLY A 41 18.65 -8.85 -4.71
CA GLY A 41 19.45 -9.23 -3.55
C GLY A 41 19.66 -10.73 -3.50
N SER A 42 20.00 -11.24 -2.32
CA SER A 42 20.22 -12.68 -2.14
C SER A 42 18.89 -13.43 -2.16
N GLN A 43 18.93 -14.70 -2.59
CA GLN A 43 17.71 -15.51 -2.65
C GLN A 43 17.15 -15.74 -1.24
N GLU A 44 18.03 -15.85 -0.26
CA GLU A 44 17.60 -16.10 1.12
C GLU A 44 16.71 -14.97 1.61
N ALA A 45 17.11 -13.73 1.33
CA ALA A 45 16.35 -12.56 1.76
C ALA A 45 14.98 -12.53 1.08
N MET A 46 14.96 -12.89 -0.21
CA MET A 46 13.71 -12.91 -0.97
C MET A 46 12.75 -13.97 -0.42
N ASP A 47 13.29 -15.13 -0.06
CA ASP A 47 12.46 -16.22 0.48
C ASP A 47 11.84 -15.82 1.82
N LYS A 48 12.49 -14.87 2.50
CA LYS A 48 12.00 -14.40 3.80
C LYS A 48 10.87 -13.38 3.61
N ILE A 49 10.96 -12.58 2.55
CA ILE A 49 9.95 -11.55 2.25
C ILE A 49 8.89 -12.15 1.31
N ASP A 50 7.65 -12.23 1.80
CA ASP A 50 6.52 -12.78 1.03
C ASP A 50 5.70 -11.65 0.42
N SER A 51 5.78 -10.47 1.07
CA SER A 51 5.04 -9.30 0.61
C SER A 51 5.47 -8.07 1.42
N ILE A 52 5.16 -6.89 0.89
CA ILE A 52 5.49 -5.62 1.56
C ILE A 52 4.20 -5.00 2.12
N THR A 53 4.15 -4.80 3.44
CA THR A 53 3.00 -4.19 4.08
C THR A 53 3.13 -2.69 4.01
N VAL A 54 2.08 -1.98 3.55
CA VAL A 54 2.11 -0.52 3.45
C VAL A 54 0.93 0.06 4.26
N PRO A 55 1.09 0.36 5.54
CA PRO A 55 -0.03 0.92 6.36
C PRO A 55 -0.24 2.41 6.09
N VAL A 56 -1.50 2.86 6.16
CA VAL A 56 -1.85 4.26 5.91
C VAL A 56 -2.94 4.71 6.89
N ASP A 57 -2.77 5.92 7.43
CA ASP A 57 -3.72 6.49 8.39
C ASP A 57 -4.93 7.02 7.63
N ILE A 58 -6.13 6.57 8.01
CA ILE A 58 -7.38 7.00 7.36
C ILE A 58 -8.11 8.01 8.25
N SER A 59 -7.62 8.16 9.48
CA SER A 59 -8.26 9.08 10.43
C SER A 59 -8.21 10.52 9.93
N GLN A 60 -7.09 10.91 9.32
CA GLN A 60 -6.90 12.27 8.79
C GLN A 60 -7.45 12.37 7.36
N VAL A 61 -7.88 11.24 6.81
CA VAL A 61 -8.43 11.20 5.44
C VAL A 61 -9.95 11.38 5.49
N THR A 62 -10.42 12.51 4.94
CA THR A 62 -11.86 12.84 4.91
C THR A 62 -12.26 13.28 3.53
N GLU A 63 -11.30 13.31 2.59
CA GLU A 63 -11.55 13.74 1.20
C GLU A 63 -10.69 12.93 0.23
N ASP A 64 -11.15 12.83 -1.02
CA ASP A 64 -10.42 12.09 -2.04
C ASP A 64 -9.07 12.75 -2.31
N THR A 65 -8.03 11.93 -2.34
CA THR A 65 -6.67 12.42 -2.58
C THR A 65 -5.73 11.25 -2.88
N SER A 66 -4.44 11.58 -3.00
CA SER A 66 -3.41 10.58 -3.28
C SER A 66 -2.08 11.03 -2.70
N LYS A 67 -1.28 10.06 -2.26
CA LYS A 67 0.03 10.35 -1.66
C LYS A 67 1.06 9.32 -2.12
N THR A 68 2.30 9.79 -2.32
CA THR A 68 3.39 8.90 -2.75
C THR A 68 3.98 8.21 -1.53
N LEU A 69 4.15 6.88 -1.63
CA LEU A 69 4.69 6.06 -0.54
C LEU A 69 5.96 5.34 -1.00
N GLU A 70 7.02 5.47 -0.19
CA GLU A 70 8.32 4.84 -0.49
C GLU A 70 8.41 3.52 0.26
N LEU A 71 8.93 2.50 -0.42
CA LEU A 71 9.08 1.15 0.16
C LEU A 71 10.55 0.84 0.38
N LYS A 72 10.86 0.25 1.53
CA LYS A 72 12.24 -0.10 1.87
C LYS A 72 12.26 -1.44 2.59
N ALA A 73 13.33 -2.20 2.38
CA ALA A 73 13.51 -3.52 3.00
C ALA A 73 14.99 -3.79 3.21
N GLU A 74 15.34 -4.35 4.38
CA GLU A 74 16.74 -4.64 4.70
C GLU A 74 17.14 -6.02 4.17
N GLY A 75 18.07 -6.01 3.20
CA GLY A 75 18.60 -7.26 2.60
C GLY A 75 18.45 -7.27 1.10
N VAL A 76 17.55 -6.43 0.58
CA VAL A 76 17.31 -6.33 -0.86
C VAL A 76 17.24 -4.86 -1.28
N THR A 77 17.44 -4.60 -2.57
CA THR A 77 17.38 -3.24 -3.12
C THR A 77 16.04 -3.09 -3.82
N VAL A 78 15.16 -2.26 -3.26
CA VAL A 78 13.83 -2.04 -3.84
C VAL A 78 13.89 -0.85 -4.78
N GLN A 79 13.41 -0.99 -6.01
CA GLN A 79 13.44 0.13 -6.96
C GLN A 79 12.35 -0.06 -8.05
N PRO A 80 11.67 1.00 -8.51
CA PRO A 80 11.83 2.42 -8.05
C PRO A 80 11.30 2.59 -6.62
N SER A 81 10.61 1.56 -6.14
CA SER A 81 10.09 1.55 -4.77
C SER A 81 9.11 2.69 -4.56
N THR A 82 8.52 3.19 -5.63
CA THR A 82 7.55 4.28 -5.59
C THR A 82 6.34 3.90 -6.41
N VAL A 83 5.17 4.23 -5.90
CA VAL A 83 3.91 3.94 -6.58
C VAL A 83 2.88 4.97 -6.16
N LYS A 84 1.91 5.24 -7.03
CA LYS A 84 0.85 6.21 -6.73
C LYS A 84 -0.37 5.46 -6.21
N VAL A 85 -0.96 5.95 -5.12
CA VAL A 85 -2.14 5.33 -4.52
C VAL A 85 -3.24 6.38 -4.38
N ASN A 86 -4.43 6.06 -4.90
CA ASN A 86 -5.59 6.96 -4.85
C ASN A 86 -6.56 6.44 -3.79
N LEU A 87 -6.90 7.29 -2.83
CA LEU A 87 -7.82 6.92 -1.74
C LEU A 87 -9.14 7.64 -1.95
N LYS A 88 -10.18 6.89 -2.32
CA LYS A 88 -11.50 7.47 -2.55
C LYS A 88 -12.28 7.44 -1.24
N VAL A 89 -12.86 8.59 -0.87
CA VAL A 89 -13.66 8.69 0.37
C VAL A 89 -15.13 8.72 -0.01
N THR A 90 -15.93 7.91 0.67
CA THR A 90 -17.39 7.84 0.42
C THR A 90 -18.11 8.63 1.52
N GLN A 91 -18.86 9.65 1.11
CA GLN A 91 -19.60 10.49 2.06
C GLN A 91 -20.88 9.76 2.47
N LYS A 92 -21.15 9.72 3.77
CA LYS A 92 -22.33 9.05 4.28
C LYS A 92 -23.57 9.84 3.90
N LEU A 93 -24.62 9.16 3.46
CA LEU A 93 -25.86 9.84 3.09
C LEU A 93 -27.05 8.89 3.29
N GLU A 94 -28.06 9.36 4.02
CA GLU A 94 -29.25 8.57 4.28
C GLU A 94 -30.02 8.37 2.98
N HIS A 95 -30.88 7.35 2.96
CA HIS A 95 -31.67 7.05 1.77
C HIS A 95 -32.86 6.16 2.15
N HIS A 96 -33.57 5.65 1.14
CA HIS A 96 -34.72 4.80 1.38
C HIS A 96 -34.28 3.50 2.06
N HIS A 97 -35.02 3.09 3.09
CA HIS A 97 -34.69 1.86 3.82
C HIS A 97 -34.93 0.65 2.92
N HIS A 98 -34.09 -0.37 3.07
CA HIS A 98 -34.21 -1.58 2.27
C HIS A 98 -35.51 -2.30 2.62
N HIS A 99 -36.34 -2.57 1.61
CA HIS A 99 -37.61 -3.25 1.82
C HIS A 99 -37.37 -4.67 2.33
N HIS A 100 -36.39 -5.35 1.72
CA HIS A 100 -36.05 -6.72 2.10
C HIS A 100 -35.61 -6.78 3.56
N LYS A 1 22.03 -13.92 -16.35
CA LYS A 1 23.22 -14.55 -15.72
C LYS A 1 24.48 -13.75 -16.06
N ILE A 2 24.46 -13.11 -17.22
CA ILE A 2 25.59 -12.32 -17.68
C ILE A 2 25.81 -11.12 -16.74
N SER A 3 27.08 -10.78 -16.51
CA SER A 3 27.42 -9.65 -15.63
C SER A 3 26.79 -9.81 -14.25
N LEU A 4 27.51 -10.47 -13.35
CA LEU A 4 27.02 -10.70 -11.99
C LEU A 4 25.68 -11.45 -12.01
N ARG A 5 25.76 -12.73 -11.72
CA ARG A 5 24.59 -13.59 -11.70
C ARG A 5 23.63 -13.15 -10.60
N LYS A 6 22.92 -12.04 -10.84
CA LYS A 6 21.96 -11.50 -9.87
C LYS A 6 20.55 -11.93 -10.26
N LEU A 7 19.76 -12.33 -9.27
CA LEU A 7 18.38 -12.78 -9.49
C LEU A 7 17.43 -11.60 -9.29
N SER A 8 16.14 -11.86 -9.44
CA SER A 8 15.13 -10.82 -9.28
C SER A 8 13.78 -11.46 -9.04
N LYS A 9 12.93 -10.76 -8.29
CA LYS A 9 11.60 -11.26 -7.96
C LYS A 9 10.64 -10.09 -7.77
N SER A 10 9.36 -10.41 -7.77
CA SER A 10 8.28 -9.41 -7.60
C SER A 10 7.55 -9.68 -6.28
N VAL A 11 7.26 -8.60 -5.53
CA VAL A 11 6.57 -8.66 -4.24
C VAL A 11 5.36 -7.70 -4.27
N PRO A 12 4.12 -8.19 -4.45
CA PRO A 12 2.94 -7.28 -4.46
C PRO A 12 2.83 -6.46 -3.17
N VAL A 13 2.37 -5.21 -3.32
CA VAL A 13 2.20 -4.30 -2.18
C VAL A 13 0.80 -4.48 -1.60
N LYS A 14 0.72 -4.64 -0.27
CA LYS A 14 -0.56 -4.81 0.43
C LYS A 14 -0.75 -3.65 1.40
N LEU A 15 -1.90 -2.98 1.29
CA LEU A 15 -2.24 -1.82 2.14
C LEU A 15 -3.21 -2.26 3.23
N GLU A 16 -2.86 -1.94 4.50
CA GLU A 16 -3.71 -2.29 5.66
C GLU A 16 -4.22 -1.02 6.32
N LEU A 17 -5.52 -0.77 6.19
CA LEU A 17 -6.13 0.42 6.77
C LEU A 17 -6.04 0.34 8.30
N THR A 18 -5.54 1.43 8.92
CA THR A 18 -5.37 1.51 10.38
C THR A 18 -6.08 2.76 10.90
N GLY A 19 -6.80 2.60 12.01
CA GLY A 19 -7.54 3.70 12.66
C GLY A 19 -9.04 3.44 12.60
N ASP A 20 -9.79 4.16 13.44
CA ASP A 20 -11.25 4.03 13.48
C ASP A 20 -11.88 4.88 12.38
N LYS A 21 -12.94 4.37 11.75
CA LYS A 21 -13.62 5.10 10.68
C LYS A 21 -14.29 6.36 11.24
N ALA A 22 -14.12 7.49 10.55
CA ALA A 22 -14.71 8.76 11.01
C ALA A 22 -16.24 8.68 11.04
N SER A 23 -16.87 9.76 11.50
CA SER A 23 -18.34 9.80 11.58
C SER A 23 -18.95 10.26 10.27
N ASN A 24 -18.18 10.99 9.46
CA ASN A 24 -18.66 11.51 8.17
C ASN A 24 -18.37 10.54 7.02
N VAL A 25 -17.52 9.53 7.27
CA VAL A 25 -17.16 8.54 6.23
C VAL A 25 -17.97 7.26 6.38
N SER A 26 -18.60 6.82 5.28
CA SER A 26 -19.41 5.59 5.28
C SER A 26 -18.55 4.40 4.87
N SER A 27 -17.64 4.62 3.92
CA SER A 27 -16.74 3.57 3.43
C SER A 27 -15.53 4.19 2.73
N ILE A 28 -14.44 3.41 2.62
CA ILE A 28 -13.20 3.86 1.96
C ILE A 28 -12.70 2.78 1.00
N SER A 29 -12.16 3.22 -0.15
CA SER A 29 -11.62 2.30 -1.17
C SER A 29 -10.27 2.84 -1.65
N TYR A 30 -9.46 1.96 -2.24
CA TYR A 30 -8.14 2.33 -2.75
C TYR A 30 -7.81 1.52 -4.00
N SER A 31 -6.92 2.08 -4.82
CA SER A 31 -6.51 1.42 -6.08
C SER A 31 -5.06 1.75 -6.39
N PHE A 32 -4.47 0.96 -7.30
CA PHE A 32 -3.07 1.12 -7.69
C PHE A 32 -2.89 0.76 -9.17
N ASP A 33 -2.02 1.49 -9.85
CA ASP A 33 -1.74 1.24 -11.28
C ASP A 33 -0.99 -0.09 -11.46
N ARG A 34 -0.13 -0.43 -10.50
CA ARG A 34 0.68 -1.67 -10.56
C ARG A 34 0.68 -2.34 -9.19
N GLY A 35 1.00 -1.58 -8.15
CA GLY A 35 1.02 -2.10 -6.80
C GLY A 35 2.03 -3.24 -6.67
N HIS A 36 3.04 -3.26 -7.54
CA HIS A 36 4.10 -4.29 -7.51
C HIS A 36 5.40 -3.68 -8.02
N VAL A 37 6.52 -4.03 -7.38
CA VAL A 37 7.86 -3.51 -7.75
C VAL A 37 8.84 -4.68 -7.85
N THR A 38 9.98 -4.44 -8.48
CA THR A 38 11.03 -5.48 -8.64
C THR A 38 12.11 -5.27 -7.59
N ILE A 39 12.52 -6.38 -6.94
CA ILE A 39 13.56 -6.35 -5.90
C ILE A 39 14.74 -7.24 -6.31
N VAL A 40 15.95 -6.82 -5.90
CA VAL A 40 17.19 -7.56 -6.23
C VAL A 40 18.04 -7.75 -4.97
N GLY A 41 18.57 -8.97 -4.80
CA GLY A 41 19.42 -9.30 -3.65
C GLY A 41 19.72 -10.79 -3.58
N SER A 42 20.17 -11.25 -2.40
CA SER A 42 20.48 -12.67 -2.18
C SER A 42 19.19 -13.48 -2.10
N GLN A 43 19.23 -14.73 -2.57
CA GLN A 43 18.05 -15.59 -2.56
C GLN A 43 17.51 -15.77 -1.12
N GLU A 44 18.42 -15.89 -0.16
CA GLU A 44 18.02 -16.08 1.24
C GLU A 44 17.16 -14.93 1.73
N ALA A 45 17.62 -13.70 1.47
CA ALA A 45 16.89 -12.51 1.89
C ALA A 45 15.52 -12.46 1.23
N MET A 46 15.46 -12.88 -0.04
CA MET A 46 14.21 -12.87 -0.80
C MET A 46 13.21 -13.87 -0.20
N ASP A 47 13.70 -15.03 0.23
CA ASP A 47 12.85 -16.07 0.79
C ASP A 47 12.13 -15.57 2.05
N LYS A 48 12.79 -14.67 2.79
CA LYS A 48 12.20 -14.10 4.00
C LYS A 48 11.07 -13.13 3.64
N ILE A 49 11.29 -12.36 2.56
CA ILE A 49 10.29 -11.36 2.11
C ILE A 49 9.26 -12.04 1.19
N ASP A 50 7.99 -12.04 1.63
CA ASP A 50 6.87 -12.65 0.87
C ASP A 50 5.89 -11.57 0.39
N SER A 51 5.97 -10.40 1.03
CA SER A 51 5.10 -9.27 0.69
C SER A 51 5.51 -8.05 1.49
N ILE A 52 5.08 -6.87 1.02
CA ILE A 52 5.38 -5.60 1.73
C ILE A 52 4.07 -5.03 2.30
N THR A 53 4.00 -4.89 3.64
CA THR A 53 2.82 -4.36 4.34
C THR A 53 3.12 -2.93 4.82
N VAL A 54 2.26 -1.97 4.42
CA VAL A 54 2.43 -0.54 4.80
C VAL A 54 1.12 -0.02 5.43
N PRO A 55 1.06 0.33 6.73
CA PRO A 55 -0.21 0.84 7.32
C PRO A 55 -0.46 2.29 6.92
N VAL A 56 -1.74 2.63 6.70
CA VAL A 56 -2.15 3.99 6.31
C VAL A 56 -3.27 4.49 7.23
N ASP A 57 -3.07 5.67 7.83
CA ASP A 57 -4.06 6.27 8.72
C ASP A 57 -5.24 6.79 7.90
N ILE A 58 -6.46 6.37 8.25
CA ILE A 58 -7.69 6.80 7.55
C ILE A 58 -8.43 7.86 8.37
N SER A 59 -8.09 7.99 9.64
CA SER A 59 -8.76 8.95 10.51
C SER A 59 -8.57 10.37 10.02
N GLN A 60 -7.37 10.71 9.54
CA GLN A 60 -7.07 12.06 9.04
C GLN A 60 -7.52 12.20 7.59
N VAL A 61 -7.99 11.10 6.99
CA VAL A 61 -8.46 11.11 5.58
C VAL A 61 -9.96 11.40 5.54
N THR A 62 -10.31 12.61 5.07
CA THR A 62 -11.72 13.04 4.97
C THR A 62 -12.00 13.60 3.58
N GLU A 63 -10.99 13.58 2.71
CA GLU A 63 -11.12 14.08 1.33
C GLU A 63 -10.34 13.17 0.38
N ASP A 64 -10.84 13.02 -0.83
CA ASP A 64 -10.18 12.19 -1.83
C ASP A 64 -8.81 12.77 -2.19
N THR A 65 -7.81 11.90 -2.31
CA THR A 65 -6.45 12.34 -2.64
C THR A 65 -5.57 11.14 -2.99
N SER A 66 -4.29 11.41 -3.18
CA SER A 66 -3.30 10.37 -3.52
C SER A 66 -1.96 10.73 -2.90
N LYS A 67 -1.21 9.71 -2.44
CA LYS A 67 0.11 9.92 -1.81
C LYS A 67 1.08 8.84 -2.28
N THR A 68 2.34 9.25 -2.48
CA THR A 68 3.38 8.31 -2.91
C THR A 68 3.92 7.57 -1.70
N LEU A 69 4.02 6.24 -1.79
CA LEU A 69 4.51 5.40 -0.68
C LEU A 69 5.87 4.78 -1.04
N GLU A 70 6.92 5.22 -0.35
CA GLU A 70 8.28 4.72 -0.58
C GLU A 70 8.48 3.43 0.21
N LEU A 71 8.90 2.36 -0.49
CA LEU A 71 9.11 1.04 0.14
C LEU A 71 10.61 0.77 0.34
N LYS A 72 10.96 0.28 1.54
CA LYS A 72 12.36 -0.03 1.90
C LYS A 72 12.44 -1.40 2.59
N ALA A 73 13.50 -2.16 2.29
CA ALA A 73 13.71 -3.49 2.87
C ALA A 73 15.20 -3.73 3.09
N GLU A 74 15.57 -4.26 4.27
CA GLU A 74 16.97 -4.51 4.61
C GLU A 74 17.46 -5.87 4.07
N GLY A 75 18.46 -5.79 3.18
CA GLY A 75 19.08 -7.00 2.59
C GLY A 75 18.85 -7.09 1.08
N VAL A 76 17.88 -6.32 0.57
CA VAL A 76 17.57 -6.31 -0.87
C VAL A 76 17.45 -4.86 -1.35
N THR A 77 17.61 -4.66 -2.66
CA THR A 77 17.49 -3.32 -3.27
C THR A 77 16.18 -3.25 -4.06
N VAL A 78 15.28 -2.34 -3.64
CA VAL A 78 13.98 -2.16 -4.29
C VAL A 78 13.98 -0.87 -5.12
N GLN A 79 13.47 -0.96 -6.35
CA GLN A 79 13.45 0.22 -7.24
C GLN A 79 12.38 0.04 -8.36
N PRO A 80 11.67 1.09 -8.80
CA PRO A 80 11.79 2.52 -8.30
C PRO A 80 11.25 2.64 -6.87
N SER A 81 10.56 1.60 -6.43
CA SER A 81 10.02 1.54 -5.08
C SER A 81 8.91 2.55 -4.87
N THR A 82 8.68 3.42 -5.85
CA THR A 82 7.62 4.44 -5.79
C THR A 82 6.42 3.96 -6.60
N VAL A 83 5.23 4.20 -6.06
CA VAL A 83 3.98 3.81 -6.72
C VAL A 83 2.93 4.84 -6.34
N LYS A 84 2.00 5.14 -7.26
CA LYS A 84 0.94 6.10 -6.99
C LYS A 84 -0.31 5.35 -6.52
N VAL A 85 -0.90 5.81 -5.42
CA VAL A 85 -2.10 5.18 -4.84
C VAL A 85 -3.18 6.25 -4.66
N ASN A 86 -4.36 5.98 -5.23
CA ASN A 86 -5.51 6.89 -5.12
C ASN A 86 -6.45 6.39 -4.02
N LEU A 87 -6.73 7.25 -3.04
CA LEU A 87 -7.62 6.91 -1.91
C LEU A 87 -8.93 7.68 -2.05
N LYS A 88 -10.00 7.00 -2.47
CA LYS A 88 -11.32 7.63 -2.62
C LYS A 88 -12.11 7.44 -1.34
N VAL A 89 -12.64 8.54 -0.82
CA VAL A 89 -13.43 8.56 0.41
C VAL A 89 -14.90 8.78 0.08
N THR A 90 -15.78 8.03 0.75
CA THR A 90 -17.24 8.14 0.53
C THR A 90 -17.85 8.98 1.64
N GLN A 91 -18.51 10.09 1.28
CA GLN A 91 -19.14 10.98 2.27
C GLN A 91 -20.49 10.39 2.70
N LYS A 92 -20.74 10.37 4.01
CA LYS A 92 -22.00 9.84 4.54
C LYS A 92 -23.18 10.66 4.00
N LEU A 93 -24.26 9.97 3.64
CA LEU A 93 -25.45 10.63 3.08
C LEU A 93 -26.20 11.40 4.19
N GLU A 94 -25.59 11.45 5.36
CA GLU A 94 -26.18 12.13 6.52
C GLU A 94 -27.62 11.66 6.74
N HIS A 95 -28.38 12.38 7.56
CA HIS A 95 -29.78 12.02 7.84
C HIS A 95 -29.91 10.55 8.27
N HIS A 96 -30.06 9.65 7.29
CA HIS A 96 -30.18 8.23 7.59
C HIS A 96 -28.89 7.71 8.22
N HIS A 97 -28.99 7.17 9.43
CA HIS A 97 -27.83 6.63 10.13
C HIS A 97 -27.34 5.36 9.45
N HIS A 98 -26.14 4.91 9.81
CA HIS A 98 -25.57 3.70 9.22
C HIS A 98 -26.47 2.49 9.51
N HIS A 99 -26.97 2.42 10.75
CA HIS A 99 -27.85 1.32 11.17
C HIS A 99 -27.17 -0.04 10.89
N HIS A 100 -26.47 -0.55 11.89
CA HIS A 100 -25.78 -1.84 11.75
C HIS A 100 -26.78 -2.96 11.47
N LYS A 1 14.90 -8.65 -18.90
CA LYS A 1 14.67 -10.12 -18.80
C LYS A 1 16.00 -10.80 -18.47
N ILE A 2 16.26 -11.02 -17.18
CA ILE A 2 17.50 -11.67 -16.70
C ILE A 2 17.19 -12.72 -15.65
N SER A 3 18.14 -13.62 -15.40
CA SER A 3 17.97 -14.68 -14.40
C SER A 3 19.32 -15.28 -14.01
N LEU A 4 20.27 -15.24 -14.93
CA LEU A 4 21.61 -15.78 -14.68
C LEU A 4 22.33 -14.94 -13.62
N ARG A 5 23.09 -15.60 -12.74
CA ARG A 5 23.82 -14.90 -11.66
C ARG A 5 22.87 -14.02 -10.85
N LYS A 6 22.66 -12.78 -11.29
CA LYS A 6 21.77 -11.86 -10.59
C LYS A 6 20.35 -12.42 -10.61
N LEU A 7 19.69 -12.38 -9.46
CA LEU A 7 18.31 -12.89 -9.31
C LEU A 7 17.37 -11.71 -9.06
N SER A 8 16.12 -11.90 -9.46
CA SER A 8 15.09 -10.87 -9.29
C SER A 8 13.73 -11.51 -9.15
N LYS A 9 12.88 -10.89 -8.35
CA LYS A 9 11.53 -11.41 -8.09
C LYS A 9 10.59 -10.25 -7.81
N SER A 10 9.30 -10.56 -7.81
CA SER A 10 8.24 -9.57 -7.56
C SER A 10 7.60 -9.83 -6.19
N VAL A 11 7.32 -8.74 -5.46
CA VAL A 11 6.72 -8.79 -4.11
C VAL A 11 5.55 -7.78 -4.03
N PRO A 12 4.32 -8.19 -4.26
CA PRO A 12 3.15 -7.24 -4.19
C PRO A 12 3.04 -6.58 -2.81
N VAL A 13 2.59 -5.32 -2.83
CA VAL A 13 2.41 -4.54 -1.58
C VAL A 13 0.94 -4.59 -1.16
N LYS A 14 0.71 -4.68 0.15
CA LYS A 14 -0.65 -4.73 0.70
C LYS A 14 -0.85 -3.55 1.66
N LEU A 15 -1.99 -2.87 1.54
CA LEU A 15 -2.33 -1.72 2.39
C LEU A 15 -3.29 -2.17 3.48
N GLU A 16 -2.95 -1.85 4.74
CA GLU A 16 -3.78 -2.21 5.90
C GLU A 16 -4.35 -0.93 6.54
N LEU A 17 -5.67 -0.75 6.44
CA LEU A 17 -6.32 0.43 6.99
C LEU A 17 -6.31 0.36 8.52
N THR A 18 -5.79 1.42 9.16
CA THR A 18 -5.71 1.49 10.64
C THR A 18 -6.31 2.82 11.12
N GLY A 19 -6.96 2.77 12.29
CA GLY A 19 -7.58 3.95 12.91
C GLY A 19 -9.09 3.79 12.95
N ASP A 20 -9.76 4.67 13.70
CA ASP A 20 -11.23 4.64 13.80
C ASP A 20 -11.85 5.41 12.62
N LYS A 21 -12.85 4.82 11.97
CA LYS A 21 -13.51 5.46 10.83
C LYS A 21 -14.23 6.73 11.31
N ALA A 22 -14.09 7.81 10.54
CA ALA A 22 -14.73 9.08 10.90
C ALA A 22 -16.25 9.00 10.77
N SER A 23 -16.91 10.08 11.15
CA SER A 23 -18.38 10.13 11.12
C SER A 23 -18.89 10.53 9.72
N ASN A 24 -18.03 11.16 8.92
CA ASN A 24 -18.38 11.61 7.57
C ASN A 24 -18.09 10.52 6.54
N VAL A 25 -17.21 9.56 6.89
CA VAL A 25 -16.83 8.48 5.97
C VAL A 25 -17.66 7.21 6.26
N SER A 26 -18.27 6.65 5.20
CA SER A 26 -19.10 5.44 5.32
C SER A 26 -18.33 4.23 4.80
N SER A 27 -17.40 4.48 3.87
CA SER A 27 -16.58 3.42 3.27
C SER A 27 -15.33 4.02 2.64
N ILE A 28 -14.27 3.22 2.54
CA ILE A 28 -12.99 3.66 1.94
C ILE A 28 -12.53 2.65 0.89
N SER A 29 -12.07 3.15 -0.25
CA SER A 29 -11.58 2.31 -1.35
C SER A 29 -10.26 2.89 -1.85
N TYR A 30 -9.43 2.04 -2.44
CA TYR A 30 -8.12 2.46 -2.97
C TYR A 30 -7.74 1.62 -4.19
N SER A 31 -6.83 2.16 -5.01
CA SER A 31 -6.38 1.47 -6.21
C SER A 31 -4.91 1.79 -6.47
N PHE A 32 -4.31 1.04 -7.40
CA PHE A 32 -2.90 1.22 -7.75
C PHE A 32 -2.69 0.93 -9.24
N ASP A 33 -1.70 1.60 -9.83
CA ASP A 33 -1.39 1.41 -11.26
C ASP A 33 -0.82 0.02 -11.50
N ARG A 34 -0.07 -0.50 -10.52
CA ARG A 34 0.55 -1.83 -10.62
C ARG A 34 0.69 -2.46 -9.25
N GLY A 35 1.03 -1.64 -8.25
CA GLY A 35 1.17 -2.13 -6.89
C GLY A 35 2.15 -3.28 -6.79
N HIS A 36 3.11 -3.34 -7.74
CA HIS A 36 4.15 -4.38 -7.76
C HIS A 36 5.49 -3.73 -8.11
N VAL A 37 6.56 -4.14 -7.41
CA VAL A 37 7.91 -3.62 -7.64
C VAL A 37 8.88 -4.78 -7.78
N THR A 38 10.06 -4.52 -8.37
CA THR A 38 11.08 -5.54 -8.59
C THR A 38 12.21 -5.37 -7.56
N ILE A 39 12.61 -6.48 -6.95
CA ILE A 39 13.69 -6.48 -5.93
C ILE A 39 14.88 -7.32 -6.41
N VAL A 40 16.09 -6.90 -6.02
CA VAL A 40 17.33 -7.60 -6.41
C VAL A 40 18.22 -7.78 -5.17
N GLY A 41 18.77 -9.00 -5.01
CA GLY A 41 19.64 -9.30 -3.87
C GLY A 41 19.90 -10.80 -3.77
N SER A 42 20.30 -11.25 -2.58
CA SER A 42 20.57 -12.68 -2.35
C SER A 42 19.26 -13.46 -2.31
N GLN A 43 19.31 -14.74 -2.68
CA GLN A 43 18.12 -15.58 -2.67
C GLN A 43 17.58 -15.74 -1.23
N GLU A 44 18.50 -15.82 -0.27
CA GLU A 44 18.12 -16.00 1.13
C GLU A 44 17.28 -14.83 1.62
N ALA A 45 17.78 -13.62 1.45
CA ALA A 45 17.06 -12.43 1.90
C ALA A 45 15.73 -12.28 1.16
N MET A 46 15.75 -12.58 -0.14
CA MET A 46 14.55 -12.48 -0.97
C MET A 46 13.52 -13.54 -0.55
N ASP A 47 13.98 -14.74 -0.21
CA ASP A 47 13.09 -15.83 0.17
C ASP A 47 12.32 -15.48 1.44
N LYS A 48 12.94 -14.74 2.35
CA LYS A 48 12.28 -14.33 3.60
C LYS A 48 11.16 -13.32 3.31
N ILE A 49 11.38 -12.46 2.31
CA ILE A 49 10.39 -11.44 1.93
C ILE A 49 9.37 -12.04 0.95
N ASP A 50 8.09 -12.03 1.35
CA ASP A 50 6.97 -12.56 0.52
C ASP A 50 5.97 -11.45 0.19
N SER A 51 6.05 -10.36 0.94
CA SER A 51 5.14 -9.23 0.74
C SER A 51 5.59 -8.05 1.61
N ILE A 52 5.03 -6.86 1.36
CA ILE A 52 5.35 -5.64 2.13
C ILE A 52 4.06 -5.00 2.65
N THR A 53 4.00 -4.74 3.97
CA THR A 53 2.83 -4.11 4.61
C THR A 53 3.14 -2.65 4.92
N VAL A 54 2.20 -1.76 4.56
CA VAL A 54 2.36 -0.31 4.78
C VAL A 54 1.06 0.26 5.40
N PRO A 55 0.92 0.30 6.71
CA PRO A 55 -0.31 0.87 7.36
C PRO A 55 -0.56 2.32 6.95
N VAL A 56 -1.84 2.67 6.76
CA VAL A 56 -2.25 4.04 6.38
C VAL A 56 -3.34 4.54 7.33
N ASP A 57 -3.12 5.74 7.89
CA ASP A 57 -4.08 6.35 8.81
C ASP A 57 -5.26 6.94 8.01
N ILE A 58 -6.48 6.50 8.33
CA ILE A 58 -7.70 6.97 7.64
C ILE A 58 -8.40 8.04 8.47
N SER A 59 -7.97 8.20 9.71
CA SER A 59 -8.60 9.18 10.61
C SER A 59 -8.46 10.59 10.08
N GLN A 60 -7.29 10.93 9.51
CA GLN A 60 -7.03 12.26 8.97
C GLN A 60 -7.54 12.36 7.52
N VAL A 61 -8.02 11.24 6.96
CA VAL A 61 -8.54 11.20 5.59
C VAL A 61 -10.05 11.47 5.59
N THR A 62 -10.44 12.67 5.14
CA THR A 62 -11.86 13.07 5.08
C THR A 62 -12.20 13.65 3.71
N GLU A 63 -11.21 13.64 2.81
CA GLU A 63 -11.41 14.18 1.44
C GLU A 63 -10.57 13.38 0.45
N ASP A 64 -11.08 13.22 -0.76
CA ASP A 64 -10.37 12.49 -1.83
C ASP A 64 -8.95 13.06 -1.99
N THR A 65 -7.96 12.16 -2.11
CA THR A 65 -6.57 12.59 -2.27
C THR A 65 -5.68 11.41 -2.67
N SER A 66 -4.37 11.67 -2.73
CA SER A 66 -3.39 10.63 -3.09
C SER A 66 -2.05 10.91 -2.42
N LYS A 67 -1.32 9.84 -2.10
CA LYS A 67 0.00 9.96 -1.45
C LYS A 67 0.98 8.90 -1.97
N THR A 68 2.25 9.30 -2.06
CA THR A 68 3.31 8.39 -2.53
C THR A 68 3.85 7.59 -1.34
N LEU A 69 3.96 6.26 -1.52
CA LEU A 69 4.46 5.35 -0.47
C LEU A 69 5.78 4.71 -0.88
N GLU A 70 6.83 4.92 -0.08
CA GLU A 70 8.16 4.36 -0.35
C GLU A 70 8.25 2.93 0.22
N LEU A 71 8.76 2.00 -0.60
CA LEU A 71 8.91 0.59 -0.20
C LEU A 71 10.40 0.24 -0.13
N LYS A 72 10.87 -0.08 1.08
CA LYS A 72 12.29 -0.42 1.33
C LYS A 72 12.37 -1.67 2.20
N ALA A 73 13.46 -2.43 2.03
CA ALA A 73 13.68 -3.67 2.80
C ALA A 73 15.18 -3.88 3.02
N GLU A 74 15.55 -4.40 4.19
CA GLU A 74 16.97 -4.64 4.53
C GLU A 74 17.45 -5.99 3.98
N GLY A 75 18.44 -5.91 3.08
CA GLY A 75 19.05 -7.11 2.47
C GLY A 75 18.85 -7.16 0.96
N VAL A 76 17.88 -6.39 0.44
CA VAL A 76 17.59 -6.34 -0.99
C VAL A 76 17.44 -4.90 -1.44
N THR A 77 17.57 -4.66 -2.75
CA THR A 77 17.44 -3.30 -3.32
C THR A 77 16.08 -3.17 -3.99
N VAL A 78 15.19 -2.36 -3.41
CA VAL A 78 13.84 -2.16 -3.95
C VAL A 78 13.86 -0.97 -4.93
N GLN A 79 13.33 -1.18 -6.16
CA GLN A 79 13.30 -0.11 -7.17
C GLN A 79 12.07 -0.29 -8.10
N PRO A 80 11.39 0.76 -8.57
CA PRO A 80 11.71 2.21 -8.28
C PRO A 80 11.33 2.56 -6.84
N SER A 81 10.78 1.56 -6.15
CA SER A 81 10.38 1.69 -4.76
C SER A 81 9.41 2.83 -4.55
N THR A 82 8.72 3.25 -5.62
CA THR A 82 7.71 4.32 -5.55
C THR A 82 6.50 3.92 -6.39
N VAL A 83 5.31 4.23 -5.86
CA VAL A 83 4.04 3.92 -6.53
C VAL A 83 3.01 4.98 -6.16
N LYS A 84 2.01 5.20 -7.03
CA LYS A 84 0.95 6.18 -6.78
C LYS A 84 -0.31 5.44 -6.35
N VAL A 85 -0.93 5.95 -5.28
CA VAL A 85 -2.15 5.37 -4.71
C VAL A 85 -3.22 6.46 -4.53
N ASN A 86 -4.40 6.21 -5.11
CA ASN A 86 -5.53 7.15 -5.00
C ASN A 86 -6.52 6.61 -3.97
N LEU A 87 -6.86 7.43 -2.97
CA LEU A 87 -7.79 7.06 -1.90
C LEU A 87 -9.11 7.78 -2.10
N LYS A 88 -10.17 7.04 -2.45
CA LYS A 88 -11.49 7.63 -2.67
C LYS A 88 -12.31 7.51 -1.39
N VAL A 89 -12.85 8.62 -0.92
CA VAL A 89 -13.66 8.66 0.30
C VAL A 89 -15.15 8.59 -0.07
N THR A 90 -15.92 7.79 0.68
CA THR A 90 -17.37 7.64 0.45
C THR A 90 -18.11 8.50 1.48
N GLN A 91 -18.85 9.51 1.00
CA GLN A 91 -19.60 10.41 1.88
C GLN A 91 -20.92 9.76 2.30
N LYS A 92 -21.19 9.74 3.60
CA LYS A 92 -22.44 9.15 4.12
C LYS A 92 -23.66 9.77 3.43
N LEU A 93 -24.65 8.93 3.08
CA LEU A 93 -25.88 9.37 2.41
C LEU A 93 -26.99 9.63 3.42
N GLU A 94 -26.71 9.30 4.67
CA GLU A 94 -27.68 9.47 5.76
C GLU A 94 -26.99 9.24 7.11
N HIS A 95 -27.47 9.92 8.14
CA HIS A 95 -26.92 9.78 9.49
C HIS A 95 -27.28 8.41 10.07
N HIS A 96 -26.27 7.72 10.60
CA HIS A 96 -26.47 6.39 11.19
C HIS A 96 -25.22 5.95 11.95
N HIS A 97 -25.15 6.30 13.23
CA HIS A 97 -24.00 5.94 14.06
C HIS A 97 -23.94 4.41 14.23
N HIS A 98 -22.73 3.87 14.29
CA HIS A 98 -22.53 2.44 14.45
C HIS A 98 -21.12 2.14 14.96
N HIS A 99 -21.01 1.19 15.89
CA HIS A 99 -19.72 0.81 16.46
C HIS A 99 -19.81 -0.58 17.10
N HIS A 100 -18.66 -1.20 17.31
CA HIS A 100 -18.61 -2.53 17.92
C HIS A 100 -19.22 -2.50 19.33
N LYS A 1 28.60 -14.68 0.14
CA LYS A 1 29.48 -15.62 -0.61
C LYS A 1 28.76 -16.09 -1.87
N ILE A 2 27.64 -16.79 -1.68
CA ILE A 2 26.85 -17.28 -2.82
C ILE A 2 26.13 -16.11 -3.50
N SER A 3 26.22 -16.05 -4.83
CA SER A 3 25.58 -14.97 -5.60
C SER A 3 25.40 -15.43 -7.05
N LEU A 4 26.52 -15.66 -7.72
CA LEU A 4 26.52 -16.10 -9.11
C LEU A 4 25.80 -15.07 -9.99
N ARG A 5 24.92 -15.53 -10.88
CA ARG A 5 24.18 -14.64 -11.77
C ARG A 5 23.24 -13.78 -10.93
N LYS A 6 22.94 -12.59 -11.45
CA LYS A 6 22.06 -11.65 -10.75
C LYS A 6 20.65 -12.24 -10.65
N LEU A 7 20.03 -12.06 -9.48
CA LEU A 7 18.70 -12.57 -9.18
C LEU A 7 17.74 -11.39 -9.01
N SER A 8 16.48 -11.62 -9.32
CA SER A 8 15.46 -10.57 -9.20
C SER A 8 14.11 -11.21 -9.14
N LYS A 9 13.22 -10.63 -8.35
CA LYS A 9 11.86 -11.17 -8.17
C LYS A 9 10.90 -10.02 -7.86
N SER A 10 9.61 -10.33 -7.95
CA SER A 10 8.54 -9.35 -7.69
C SER A 10 7.65 -9.88 -6.57
N VAL A 11 7.26 -9.00 -5.62
CA VAL A 11 6.41 -9.38 -4.47
C VAL A 11 5.12 -8.52 -4.46
N PRO A 12 3.97 -9.05 -4.07
CA PRO A 12 2.71 -8.23 -4.03
C PRO A 12 2.70 -7.26 -2.84
N VAL A 13 2.16 -6.06 -3.06
CA VAL A 13 2.06 -5.03 -2.01
C VAL A 13 0.61 -4.97 -1.51
N LYS A 14 0.45 -4.93 -0.18
CA LYS A 14 -0.89 -4.87 0.43
C LYS A 14 -0.95 -3.71 1.41
N LEU A 15 -2.14 -3.11 1.54
CA LEU A 15 -2.37 -1.97 2.43
C LEU A 15 -3.28 -2.39 3.57
N GLU A 16 -2.95 -1.95 4.80
CA GLU A 16 -3.76 -2.27 6.00
C GLU A 16 -4.28 -0.98 6.62
N LEU A 17 -5.60 -0.76 6.54
CA LEU A 17 -6.20 0.45 7.09
C LEU A 17 -6.16 0.37 8.61
N THR A 18 -5.69 1.46 9.21
CA THR A 18 -5.60 1.57 10.69
C THR A 18 -6.22 2.88 11.15
N GLY A 19 -6.89 2.83 12.31
CA GLY A 19 -7.55 4.01 12.89
C GLY A 19 -9.06 3.82 12.92
N ASP A 20 -9.76 4.73 13.60
CA ASP A 20 -11.22 4.67 13.69
C ASP A 20 -11.84 5.42 12.49
N LYS A 21 -12.83 4.80 11.85
CA LYS A 21 -13.49 5.41 10.69
C LYS A 21 -14.26 6.66 11.15
N ALA A 22 -14.10 7.76 10.41
CA ALA A 22 -14.79 9.01 10.73
C ALA A 22 -16.30 8.86 10.52
N SER A 23 -17.06 9.54 11.38
CA SER A 23 -18.53 9.49 11.30
C SER A 23 -19.02 10.08 9.98
N ASN A 24 -18.18 10.87 9.31
CA ASN A 24 -18.53 11.51 8.04
C ASN A 24 -18.28 10.54 6.87
N VAL A 25 -17.42 9.53 7.11
CA VAL A 25 -17.08 8.55 6.07
C VAL A 25 -17.74 7.20 6.38
N SER A 26 -18.45 6.66 5.38
CA SER A 26 -19.14 5.37 5.51
C SER A 26 -18.20 4.22 5.15
N SER A 27 -17.41 4.43 4.09
CA SER A 27 -16.45 3.42 3.61
C SER A 27 -15.30 4.08 2.84
N ILE A 28 -14.19 3.34 2.70
CA ILE A 28 -12.99 3.83 2.00
C ILE A 28 -12.51 2.78 0.99
N SER A 29 -12.03 3.26 -0.16
CA SER A 29 -11.53 2.40 -1.24
C SER A 29 -10.15 2.90 -1.67
N TYR A 30 -9.35 2.00 -2.23
CA TYR A 30 -7.99 2.35 -2.68
C TYR A 30 -7.63 1.55 -3.93
N SER A 31 -6.70 2.09 -4.72
CA SER A 31 -6.27 1.44 -5.95
C SER A 31 -4.80 1.75 -6.21
N PHE A 32 -4.21 0.99 -7.15
CA PHE A 32 -2.80 1.16 -7.52
C PHE A 32 -2.61 0.87 -9.00
N ASP A 33 -1.73 1.65 -9.64
CA ASP A 33 -1.44 1.48 -11.07
C ASP A 33 -0.61 0.22 -11.31
N ARG A 34 0.29 -0.09 -10.35
CA ARG A 34 1.19 -1.26 -10.44
C ARG A 34 1.05 -2.13 -9.20
N GLY A 35 1.29 -1.53 -8.04
CA GLY A 35 1.19 -2.24 -6.77
C GLY A 35 2.16 -3.41 -6.72
N HIS A 36 3.19 -3.39 -7.59
CA HIS A 36 4.21 -4.44 -7.64
C HIS A 36 5.55 -3.80 -7.99
N VAL A 37 6.61 -4.22 -7.29
CA VAL A 37 7.97 -3.70 -7.53
C VAL A 37 8.95 -4.85 -7.62
N THR A 38 10.14 -4.57 -8.17
CA THR A 38 11.19 -5.59 -8.32
C THR A 38 12.25 -5.40 -7.23
N ILE A 39 12.70 -6.52 -6.64
CA ILE A 39 13.72 -6.51 -5.57
C ILE A 39 14.95 -7.26 -6.04
N VAL A 40 16.13 -6.87 -5.54
CA VAL A 40 17.40 -7.51 -5.94
C VAL A 40 18.21 -7.89 -4.69
N GLY A 41 18.75 -9.10 -4.68
CA GLY A 41 19.55 -9.55 -3.56
C GLY A 41 19.79 -11.05 -3.63
N SER A 42 20.15 -11.63 -2.49
CA SER A 42 20.40 -13.07 -2.41
C SER A 42 19.06 -13.81 -2.36
N GLN A 43 19.07 -15.09 -2.75
CA GLN A 43 17.86 -15.90 -2.75
C GLN A 43 17.32 -16.03 -1.32
N GLU A 44 18.23 -16.12 -0.35
CA GLU A 44 17.83 -16.27 1.05
C GLU A 44 17.02 -15.07 1.51
N ALA A 45 17.46 -13.87 1.16
CA ALA A 45 16.76 -12.65 1.55
C ALA A 45 15.38 -12.59 0.90
N MET A 46 15.30 -13.01 -0.35
CA MET A 46 14.02 -13.02 -1.07
C MET A 46 13.05 -14.02 -0.45
N ASP A 47 13.57 -15.17 -0.02
CA ASP A 47 12.74 -16.22 0.58
C ASP A 47 12.05 -15.70 1.85
N LYS A 48 12.71 -14.80 2.57
CA LYS A 48 12.14 -14.23 3.80
C LYS A 48 11.02 -13.24 3.46
N ILE A 49 11.23 -12.44 2.40
CA ILE A 49 10.24 -11.44 1.98
C ILE A 49 9.16 -12.14 1.13
N ASP A 50 7.91 -12.12 1.64
CA ASP A 50 6.75 -12.74 0.95
C ASP A 50 5.78 -11.65 0.48
N SER A 51 5.85 -10.51 1.16
CA SER A 51 4.99 -9.37 0.83
C SER A 51 5.43 -8.13 1.58
N ILE A 52 4.98 -6.96 1.10
CA ILE A 52 5.30 -5.66 1.72
C ILE A 52 4.00 -5.07 2.31
N THR A 53 4.00 -4.81 3.62
CA THR A 53 2.85 -4.22 4.32
C THR A 53 3.09 -2.73 4.48
N VAL A 54 2.11 -1.89 4.12
CA VAL A 54 2.23 -0.43 4.24
C VAL A 54 0.94 0.13 4.87
N PRO A 55 0.86 0.31 6.18
CA PRO A 55 -0.40 0.82 6.81
C PRO A 55 -0.53 2.33 6.62
N VAL A 56 -1.78 2.79 6.46
CA VAL A 56 -2.08 4.23 6.26
C VAL A 56 -3.22 4.66 7.19
N ASP A 57 -3.00 5.76 7.92
CA ASP A 57 -4.00 6.30 8.82
C ASP A 57 -5.16 6.90 8.03
N ILE A 58 -6.38 6.46 8.33
CA ILE A 58 -7.59 6.96 7.64
C ILE A 58 -8.30 8.01 8.49
N SER A 59 -7.90 8.10 9.76
CA SER A 59 -8.53 9.05 10.67
C SER A 59 -8.39 10.49 10.17
N GLN A 60 -7.23 10.83 9.61
CA GLN A 60 -6.97 12.18 9.09
C GLN A 60 -7.51 12.32 7.65
N VAL A 61 -7.97 11.20 7.08
CA VAL A 61 -8.51 11.18 5.70
C VAL A 61 -10.03 11.38 5.74
N THR A 62 -10.49 12.52 5.20
CA THR A 62 -11.93 12.84 5.16
C THR A 62 -12.32 13.33 3.77
N GLU A 63 -11.36 13.27 2.83
CA GLU A 63 -11.59 13.72 1.45
C GLU A 63 -10.68 12.97 0.48
N ASP A 64 -11.04 13.00 -0.80
CA ASP A 64 -10.26 12.33 -1.84
C ASP A 64 -8.86 12.94 -1.92
N THR A 65 -7.85 12.09 -2.07
CA THR A 65 -6.47 12.55 -2.15
C THR A 65 -5.57 11.43 -2.67
N SER A 66 -4.32 11.77 -2.98
CA SER A 66 -3.35 10.79 -3.48
C SER A 66 -1.94 11.18 -3.01
N LYS A 67 -1.15 10.17 -2.64
CA LYS A 67 0.22 10.40 -2.16
C LYS A 67 1.14 9.24 -2.57
N THR A 68 2.39 9.61 -2.87
CA THR A 68 3.39 8.60 -3.27
C THR A 68 3.95 7.94 -2.02
N LEU A 69 4.10 6.59 -2.07
CA LEU A 69 4.61 5.81 -0.94
C LEU A 69 5.94 5.15 -1.32
N GLU A 70 6.98 5.37 -0.50
CA GLU A 70 8.30 4.80 -0.74
C GLU A 70 8.44 3.48 0.02
N LEU A 71 8.92 2.44 -0.68
CA LEU A 71 9.08 1.10 -0.10
C LEU A 71 10.57 0.81 0.14
N LYS A 72 10.91 0.37 1.36
CA LYS A 72 12.30 0.05 1.72
C LYS A 72 12.34 -1.33 2.39
N ALA A 73 13.39 -2.11 2.08
CA ALA A 73 13.56 -3.45 2.64
C ALA A 73 15.04 -3.66 2.98
N GLU A 74 15.29 -4.35 4.10
CA GLU A 74 16.66 -4.58 4.55
C GLU A 74 17.29 -5.82 3.91
N GLY A 75 18.52 -5.61 3.44
CA GLY A 75 19.30 -6.68 2.81
C GLY A 75 19.13 -6.71 1.30
N VAL A 76 18.11 -6.01 0.78
CA VAL A 76 17.84 -5.95 -0.67
C VAL A 76 17.62 -4.48 -1.07
N THR A 77 17.68 -4.20 -2.39
CA THR A 77 17.46 -2.83 -2.91
C THR A 77 16.16 -2.82 -3.71
N VAL A 78 15.15 -2.11 -3.21
CA VAL A 78 13.85 -2.04 -3.88
C VAL A 78 13.88 -0.85 -4.85
N GLN A 79 13.45 -1.06 -6.10
CA GLN A 79 13.43 0.05 -7.08
C GLN A 79 12.37 -0.21 -8.19
N PRO A 80 11.68 0.81 -8.71
CA PRO A 80 11.82 2.27 -8.34
C PRO A 80 11.26 2.52 -6.93
N SER A 81 10.57 1.51 -6.42
CA SER A 81 10.02 1.54 -5.07
C SER A 81 9.07 2.70 -4.88
N THR A 82 8.50 3.20 -5.97
CA THR A 82 7.55 4.31 -5.95
C THR A 82 6.34 3.95 -6.81
N VAL A 83 5.15 4.30 -6.32
CA VAL A 83 3.90 4.03 -7.04
C VAL A 83 2.87 5.07 -6.63
N LYS A 84 1.88 5.34 -7.49
CA LYS A 84 0.83 6.31 -7.19
C LYS A 84 -0.37 5.57 -6.61
N VAL A 85 -0.94 6.12 -5.53
CA VAL A 85 -2.11 5.52 -4.86
C VAL A 85 -3.20 6.56 -4.72
N ASN A 86 -4.43 6.20 -5.12
CA ASN A 86 -5.58 7.09 -5.03
C ASN A 86 -6.54 6.56 -3.98
N LEU A 87 -6.87 7.39 -2.99
CA LEU A 87 -7.78 7.02 -1.90
C LEU A 87 -9.10 7.74 -2.07
N LYS A 88 -10.15 7.00 -2.44
CA LYS A 88 -11.48 7.60 -2.62
C LYS A 88 -12.26 7.50 -1.32
N VAL A 89 -12.81 8.64 -0.87
CA VAL A 89 -13.58 8.71 0.37
C VAL A 89 -15.08 8.76 0.03
N THR A 90 -15.88 7.93 0.70
CA THR A 90 -17.33 7.89 0.47
C THR A 90 -18.02 8.69 1.56
N GLN A 91 -18.72 9.76 1.19
CA GLN A 91 -19.41 10.60 2.15
C GLN A 91 -20.73 9.94 2.59
N LYS A 92 -20.97 9.87 3.89
CA LYS A 92 -22.19 9.25 4.40
C LYS A 92 -23.42 10.04 3.91
N LEU A 93 -24.46 9.31 3.49
CA LEU A 93 -25.67 9.96 3.01
C LEU A 93 -26.38 10.66 4.17
N GLU A 94 -26.74 11.92 3.97
CA GLU A 94 -27.43 12.73 4.99
C GLU A 94 -28.94 12.50 4.89
N HIS A 95 -29.70 13.30 5.64
CA HIS A 95 -31.15 13.18 5.62
C HIS A 95 -31.70 13.49 4.21
N HIS A 96 -32.75 12.76 3.81
CA HIS A 96 -33.34 12.96 2.49
C HIS A 96 -33.90 14.37 2.37
N HIS A 97 -34.65 14.80 3.40
CA HIS A 97 -35.24 16.14 3.41
C HIS A 97 -35.79 16.46 4.80
N HIS A 98 -35.91 17.75 5.11
CA HIS A 98 -36.43 18.19 6.40
C HIS A 98 -37.92 17.90 6.49
N HIS A 99 -38.39 17.55 7.70
CA HIS A 99 -39.81 17.24 7.91
C HIS A 99 -40.15 17.33 9.39
N HIS A 100 -39.18 17.75 10.20
CA HIS A 100 -39.37 17.89 11.65
C HIS A 100 -39.87 16.59 12.27
N LYS A 1 31.58 -19.24 -10.78
CA LYS A 1 31.53 -18.18 -9.74
C LYS A 1 31.60 -16.80 -10.42
N ILE A 2 32.58 -16.64 -11.31
CA ILE A 2 32.76 -15.38 -12.02
C ILE A 2 31.58 -15.14 -12.98
N SER A 3 30.94 -16.23 -13.40
CA SER A 3 29.80 -16.13 -14.32
C SER A 3 28.68 -15.33 -13.67
N LEU A 4 27.96 -14.55 -14.49
CA LEU A 4 26.86 -13.73 -13.98
C LEU A 4 25.75 -14.63 -13.45
N ARG A 5 25.05 -14.16 -12.42
CA ARG A 5 23.96 -14.92 -11.81
C ARG A 5 23.08 -14.00 -10.97
N LYS A 6 22.80 -12.81 -11.51
CA LYS A 6 21.94 -11.85 -10.82
C LYS A 6 20.59 -12.48 -10.52
N LEU A 7 19.89 -11.98 -9.49
CA LEU A 7 18.58 -12.48 -9.11
C LEU A 7 17.62 -11.31 -8.93
N SER A 8 16.36 -11.51 -9.29
CA SER A 8 15.35 -10.46 -9.16
C SER A 8 13.98 -11.10 -9.20
N LYS A 9 13.07 -10.61 -8.37
CA LYS A 9 11.71 -11.15 -8.27
C LYS A 9 10.75 -10.02 -7.90
N SER A 10 9.45 -10.31 -8.07
CA SER A 10 8.37 -9.35 -7.76
C SER A 10 7.51 -9.94 -6.64
N VAL A 11 7.13 -9.08 -5.67
CA VAL A 11 6.29 -9.51 -4.52
C VAL A 11 5.05 -8.61 -4.40
N PRO A 12 3.88 -9.13 -4.03
CA PRO A 12 2.65 -8.28 -3.89
C PRO A 12 2.69 -7.41 -2.64
N VAL A 13 2.17 -6.19 -2.75
CA VAL A 13 2.11 -5.26 -1.61
C VAL A 13 0.73 -5.37 -0.98
N LYS A 14 0.68 -5.44 0.36
CA LYS A 14 -0.60 -5.54 1.10
C LYS A 14 -0.83 -4.21 1.82
N LEU A 15 -2.05 -3.67 1.72
CA LEU A 15 -2.42 -2.41 2.36
C LEU A 15 -3.29 -2.72 3.58
N GLU A 16 -2.95 -2.13 4.73
CA GLU A 16 -3.69 -2.35 5.99
C GLU A 16 -4.15 -1.00 6.54
N LEU A 17 -5.45 -0.77 6.51
CA LEU A 17 -6.02 0.48 7.02
C LEU A 17 -5.87 0.53 8.54
N THR A 18 -5.36 1.65 9.06
CA THR A 18 -5.16 1.84 10.51
C THR A 18 -5.85 3.12 10.96
N GLY A 19 -6.57 3.03 12.09
CA GLY A 19 -7.28 4.18 12.66
C GLY A 19 -8.79 3.94 12.63
N ASP A 20 -9.52 4.74 13.41
CA ASP A 20 -10.99 4.63 13.46
C ASP A 20 -11.60 5.33 12.23
N LYS A 21 -12.59 4.69 11.61
CA LYS A 21 -13.25 5.26 10.44
C LYS A 21 -14.02 6.53 10.83
N ALA A 22 -13.93 7.56 9.99
CA ALA A 22 -14.62 8.82 10.26
C ALA A 22 -16.14 8.61 10.29
N SER A 23 -16.82 9.29 11.20
CA SER A 23 -18.27 9.16 11.36
C SER A 23 -19.01 9.75 10.15
N ASN A 24 -18.35 10.62 9.39
CA ASN A 24 -18.96 11.27 8.22
C ASN A 24 -18.64 10.50 6.94
N VAL A 25 -17.95 9.36 7.09
CA VAL A 25 -17.56 8.50 5.95
C VAL A 25 -18.23 7.12 6.10
N SER A 26 -18.94 6.70 5.05
CA SER A 26 -19.61 5.40 5.03
C SER A 26 -18.57 4.28 4.86
N SER A 27 -17.65 4.48 3.90
CA SER A 27 -16.61 3.50 3.61
C SER A 27 -15.46 4.16 2.85
N ILE A 28 -14.32 3.46 2.79
CA ILE A 28 -13.11 3.95 2.09
C ILE A 28 -12.57 2.86 1.18
N SER A 29 -12.03 3.26 0.03
CA SER A 29 -11.43 2.34 -0.95
C SER A 29 -10.11 2.91 -1.44
N TYR A 30 -9.31 2.05 -2.06
CA TYR A 30 -7.99 2.45 -2.58
C TYR A 30 -7.69 1.71 -3.88
N SER A 31 -6.75 2.26 -4.66
CA SER A 31 -6.35 1.67 -5.94
C SER A 31 -4.88 1.96 -6.22
N PHE A 32 -4.31 1.19 -7.15
CA PHE A 32 -2.90 1.34 -7.53
C PHE A 32 -2.72 1.03 -9.01
N ASP A 33 -1.82 1.77 -9.65
CA ASP A 33 -1.55 1.57 -11.08
C ASP A 33 -0.77 0.28 -11.31
N ARG A 34 0.12 -0.07 -10.38
CA ARG A 34 0.96 -1.29 -10.47
C ARG A 34 0.81 -2.13 -9.20
N GLY A 35 1.06 -1.51 -8.07
CA GLY A 35 0.95 -2.20 -6.79
C GLY A 35 1.94 -3.36 -6.70
N HIS A 36 3.02 -3.29 -7.47
CA HIS A 36 4.06 -4.32 -7.46
C HIS A 36 5.40 -3.69 -7.84
N VAL A 37 6.47 -4.09 -7.14
CA VAL A 37 7.82 -3.58 -7.39
C VAL A 37 8.80 -4.73 -7.51
N THR A 38 9.97 -4.46 -8.10
CA THR A 38 11.01 -5.49 -8.27
C THR A 38 12.07 -5.33 -7.19
N ILE A 39 12.47 -6.45 -6.58
CA ILE A 39 13.50 -6.46 -5.51
C ILE A 39 14.72 -7.22 -6.01
N VAL A 40 15.93 -6.77 -5.59
CA VAL A 40 17.19 -7.41 -6.00
C VAL A 40 18.03 -7.73 -4.76
N GLY A 41 18.56 -8.95 -4.72
CA GLY A 41 19.39 -9.40 -3.60
C GLY A 41 19.67 -10.89 -3.68
N SER A 42 20.09 -11.47 -2.56
CA SER A 42 20.41 -12.90 -2.48
C SER A 42 19.11 -13.72 -2.46
N GLN A 43 19.22 -15.01 -2.81
CA GLN A 43 18.06 -15.89 -2.83
C GLN A 43 17.48 -16.06 -1.43
N GLU A 44 18.35 -16.17 -0.43
CA GLU A 44 17.91 -16.34 0.95
C GLU A 44 17.15 -15.11 1.44
N ALA A 45 17.61 -13.93 1.02
CA ALA A 45 16.96 -12.69 1.43
C ALA A 45 15.54 -12.59 0.87
N MET A 46 15.38 -12.99 -0.39
CA MET A 46 14.06 -12.95 -1.05
C MET A 46 13.11 -13.98 -0.43
N ASP A 47 13.65 -15.13 -0.04
CA ASP A 47 12.84 -16.20 0.54
C ASP A 47 12.16 -15.73 1.82
N LYS A 48 12.83 -14.85 2.57
CA LYS A 48 12.26 -14.31 3.81
C LYS A 48 11.14 -13.31 3.49
N ILE A 49 11.34 -12.51 2.43
CA ILE A 49 10.36 -11.49 2.03
C ILE A 49 9.31 -12.13 1.10
N ASP A 50 8.05 -12.14 1.55
CA ASP A 50 6.92 -12.72 0.79
C ASP A 50 5.93 -11.62 0.38
N SER A 51 6.05 -10.48 1.05
CA SER A 51 5.17 -9.34 0.78
C SER A 51 5.66 -8.11 1.54
N ILE A 52 5.09 -6.95 1.20
CA ILE A 52 5.43 -5.66 1.85
C ILE A 52 4.17 -5.05 2.46
N THR A 53 4.20 -4.76 3.77
CA THR A 53 3.07 -4.14 4.47
C THR A 53 3.22 -2.61 4.39
N VAL A 54 2.14 -1.91 4.02
CA VAL A 54 2.16 -0.44 3.93
C VAL A 54 0.95 0.13 4.67
N PRO A 55 1.06 0.47 5.95
CA PRO A 55 -0.10 1.00 6.72
C PRO A 55 -0.32 2.49 6.44
N VAL A 56 -1.59 2.90 6.34
CA VAL A 56 -1.95 4.31 6.08
C VAL A 56 -3.04 4.76 7.05
N ASP A 57 -2.82 5.92 7.69
CA ASP A 57 -3.78 6.48 8.63
C ASP A 57 -4.98 7.05 7.87
N ILE A 58 -6.18 6.60 8.20
CA ILE A 58 -7.43 7.07 7.55
C ILE A 58 -8.15 8.08 8.45
N SER A 59 -7.72 8.18 9.70
CA SER A 59 -8.35 9.07 10.66
C SER A 59 -8.26 10.53 10.20
N GLN A 60 -7.13 10.90 9.61
CA GLN A 60 -6.90 12.27 9.12
C GLN A 60 -7.44 12.42 7.69
N VAL A 61 -7.95 11.32 7.12
CA VAL A 61 -8.50 11.32 5.75
C VAL A 61 -10.02 11.46 5.80
N THR A 62 -10.53 12.52 5.17
CA THR A 62 -11.97 12.81 5.14
C THR A 62 -12.40 13.22 3.73
N GLU A 63 -11.47 13.13 2.78
CA GLU A 63 -11.74 13.49 1.39
C GLU A 63 -10.81 12.75 0.44
N ASP A 64 -11.06 12.87 -0.85
CA ASP A 64 -10.23 12.21 -1.87
C ASP A 64 -8.81 12.80 -1.86
N THR A 65 -7.80 11.92 -1.73
CA THR A 65 -6.39 12.35 -1.72
C THR A 65 -5.52 11.29 -2.39
N SER A 66 -4.30 11.66 -2.72
CA SER A 66 -3.34 10.76 -3.35
C SER A 66 -1.93 11.15 -2.96
N LYS A 67 -1.14 10.17 -2.49
CA LYS A 67 0.25 10.42 -2.06
C LYS A 67 1.18 9.28 -2.50
N THR A 68 2.42 9.66 -2.83
CA THR A 68 3.42 8.66 -3.24
C THR A 68 4.01 8.02 -2.00
N LEU A 69 4.13 6.68 -2.01
CA LEU A 69 4.69 5.92 -0.87
C LEU A 69 5.96 5.18 -1.30
N GLU A 70 7.05 5.39 -0.56
CA GLU A 70 8.33 4.75 -0.85
C GLU A 70 8.47 3.46 -0.02
N LEU A 71 8.93 2.39 -0.66
CA LEU A 71 9.10 1.08 -0.01
C LEU A 71 10.59 0.80 0.22
N LYS A 72 10.93 0.33 1.42
CA LYS A 72 12.33 0.01 1.79
C LYS A 72 12.38 -1.35 2.48
N ALA A 73 13.45 -2.12 2.23
CA ALA A 73 13.63 -3.45 2.82
C ALA A 73 15.12 -3.66 3.12
N GLU A 74 15.41 -4.24 4.29
CA GLU A 74 16.80 -4.47 4.71
C GLU A 74 17.36 -5.80 4.17
N GLY A 75 18.46 -5.68 3.41
CA GLY A 75 19.14 -6.85 2.82
C GLY A 75 18.92 -6.96 1.31
N VAL A 76 17.96 -6.20 0.78
CA VAL A 76 17.66 -6.21 -0.66
C VAL A 76 17.52 -4.77 -1.15
N THR A 77 17.63 -4.58 -2.46
CA THR A 77 17.50 -3.26 -3.09
C THR A 77 16.20 -3.24 -3.90
N VAL A 78 15.29 -2.31 -3.54
CA VAL A 78 14.00 -2.16 -4.22
C VAL A 78 14.00 -0.87 -5.03
N GLN A 79 13.50 -0.95 -6.27
CA GLN A 79 13.47 0.23 -7.13
C GLN A 79 12.41 0.06 -8.25
N PRO A 80 11.70 1.11 -8.69
CA PRO A 80 11.83 2.52 -8.18
C PRO A 80 11.27 2.65 -6.75
N SER A 81 10.56 1.60 -6.33
CA SER A 81 10.00 1.54 -4.98
C SER A 81 8.91 2.59 -4.79
N THR A 82 8.68 3.42 -5.80
CA THR A 82 7.66 4.46 -5.76
C THR A 82 6.42 3.97 -6.48
N VAL A 83 5.26 4.28 -5.93
CA VAL A 83 3.97 3.87 -6.52
C VAL A 83 2.94 4.93 -6.15
N LYS A 84 2.01 5.20 -7.05
CA LYS A 84 0.95 6.19 -6.81
C LYS A 84 -0.29 5.47 -6.28
N VAL A 85 -0.87 6.01 -5.20
CA VAL A 85 -2.06 5.43 -4.58
C VAL A 85 -3.14 6.51 -4.47
N ASN A 86 -4.34 6.19 -4.96
CA ASN A 86 -5.48 7.10 -4.91
C ASN A 86 -6.51 6.57 -3.91
N LEU A 87 -6.85 7.40 -2.92
CA LEU A 87 -7.82 7.03 -1.87
C LEU A 87 -9.13 7.76 -2.13
N LYS A 88 -10.21 7.01 -2.33
CA LYS A 88 -11.54 7.57 -2.58
C LYS A 88 -12.38 7.45 -1.31
N VAL A 89 -12.93 8.59 -0.88
CA VAL A 89 -13.75 8.66 0.33
C VAL A 89 -15.22 8.76 -0.07
N THR A 90 -16.07 7.97 0.59
CA THR A 90 -17.51 7.97 0.30
C THR A 90 -18.21 8.87 1.31
N GLN A 91 -18.95 9.86 0.81
CA GLN A 91 -19.67 10.82 1.65
C GLN A 91 -21.10 10.33 1.88
N LYS A 92 -21.51 10.27 3.15
CA LYS A 92 -22.87 9.84 3.50
C LYS A 92 -23.36 10.63 4.72
N LEU A 93 -24.61 11.07 4.68
CA LEU A 93 -25.21 11.83 5.76
C LEU A 93 -26.72 11.94 5.55
N GLU A 94 -27.42 12.42 6.57
CA GLU A 94 -28.86 12.59 6.50
C GLU A 94 -29.35 13.33 7.73
N HIS A 95 -30.54 13.93 7.63
CA HIS A 95 -31.13 14.67 8.74
C HIS A 95 -30.15 15.71 9.29
N HIS A 96 -30.56 16.43 10.33
CA HIS A 96 -29.72 17.45 10.94
C HIS A 96 -29.20 18.43 9.89
N HIS A 97 -30.02 19.43 9.55
CA HIS A 97 -29.64 20.43 8.56
C HIS A 97 -30.61 21.60 8.59
N HIS A 98 -30.37 22.53 9.51
CA HIS A 98 -31.22 23.71 9.65
C HIS A 98 -31.05 24.63 8.44
N HIS A 99 -32.13 25.27 8.02
CA HIS A 99 -32.09 26.17 6.87
C HIS A 99 -31.16 27.36 7.16
N HIS A 100 -30.37 27.75 6.16
CA HIS A 100 -29.43 28.87 6.31
C HIS A 100 -28.52 28.67 7.51
N LYS A 1 29.60 -18.32 -15.89
CA LYS A 1 30.75 -17.97 -15.02
C LYS A 1 30.33 -18.14 -13.55
N ILE A 2 31.31 -18.11 -12.65
CA ILE A 2 31.04 -18.25 -11.21
C ILE A 2 30.30 -17.02 -10.68
N SER A 3 30.34 -15.94 -11.46
CA SER A 3 29.69 -14.69 -11.07
C SER A 3 28.20 -14.91 -10.80
N LEU A 4 27.63 -15.88 -11.52
CA LEU A 4 26.21 -16.23 -11.38
C LEU A 4 25.34 -15.02 -11.72
N ARG A 5 24.18 -15.27 -12.33
CA ARG A 5 23.26 -14.20 -12.70
C ARG A 5 22.65 -13.59 -11.46
N LYS A 6 22.35 -12.29 -11.53
CA LYS A 6 21.75 -11.60 -10.39
C LYS A 6 20.33 -12.11 -10.18
N LEU A 7 19.91 -12.22 -8.93
CA LEU A 7 18.57 -12.69 -8.60
C LEU A 7 17.62 -11.50 -8.67
N SER A 8 16.37 -11.78 -8.99
CA SER A 8 15.35 -10.76 -9.10
C SER A 8 13.98 -11.41 -9.00
N LYS A 9 13.10 -10.83 -8.20
CA LYS A 9 11.74 -11.36 -8.01
C LYS A 9 10.78 -10.21 -7.75
N SER A 10 9.49 -10.54 -7.83
CA SER A 10 8.41 -9.57 -7.60
C SER A 10 7.54 -10.04 -6.45
N VAL A 11 7.15 -9.12 -5.55
CA VAL A 11 6.32 -9.44 -4.36
C VAL A 11 5.03 -8.57 -4.38
N PRO A 12 3.81 -9.12 -4.29
CA PRO A 12 2.58 -8.25 -4.28
C PRO A 12 2.59 -7.26 -3.11
N VAL A 13 2.02 -6.07 -3.32
CA VAL A 13 1.93 -5.03 -2.29
C VAL A 13 0.55 -5.12 -1.61
N LYS A 14 0.54 -5.11 -0.27
CA LYS A 14 -0.72 -5.18 0.50
C LYS A 14 -0.80 -4.00 1.47
N LEU A 15 -1.93 -3.27 1.43
CA LEU A 15 -2.17 -2.11 2.30
C LEU A 15 -2.99 -2.58 3.51
N GLU A 16 -2.58 -2.13 4.71
CA GLU A 16 -3.28 -2.48 5.97
C GLU A 16 -3.83 -1.20 6.59
N LEU A 17 -5.15 -1.03 6.52
CA LEU A 17 -5.79 0.16 7.08
C LEU A 17 -5.65 0.13 8.61
N THR A 18 -5.09 1.21 9.18
CA THR A 18 -4.88 1.33 10.64
C THR A 18 -5.71 2.51 11.16
N GLY A 19 -6.50 2.25 12.20
CA GLY A 19 -7.35 3.27 12.81
C GLY A 19 -8.83 2.94 12.61
N ASP A 20 -9.67 3.95 12.84
CA ASP A 20 -11.14 3.80 12.67
C ASP A 20 -11.63 4.79 11.61
N LYS A 21 -12.67 4.38 10.89
CA LYS A 21 -13.24 5.22 9.83
C LYS A 21 -13.92 6.45 10.45
N ALA A 22 -13.75 7.60 9.82
CA ALA A 22 -14.36 8.84 10.30
C ALA A 22 -15.89 8.75 10.25
N SER A 23 -16.56 9.48 11.14
CA SER A 23 -18.02 9.46 11.19
C SER A 23 -18.62 10.02 9.89
N ASN A 24 -17.84 10.83 9.15
CA ASN A 24 -18.30 11.43 7.90
C ASN A 24 -18.12 10.45 6.75
N VAL A 25 -17.22 9.47 6.94
CA VAL A 25 -16.94 8.46 5.90
C VAL A 25 -17.58 7.13 6.29
N SER A 26 -18.38 6.58 5.36
CA SER A 26 -19.08 5.31 5.56
C SER A 26 -18.19 4.15 5.13
N SER A 27 -17.35 4.39 4.11
CA SER A 27 -16.45 3.38 3.58
C SER A 27 -15.26 4.03 2.89
N ILE A 28 -14.18 3.27 2.74
CA ILE A 28 -12.93 3.76 2.11
C ILE A 28 -12.52 2.79 1.00
N SER A 29 -12.15 3.36 -0.16
CA SER A 29 -11.69 2.58 -1.32
C SER A 29 -10.34 3.11 -1.76
N TYR A 30 -9.51 2.23 -2.33
CA TYR A 30 -8.16 2.61 -2.79
C TYR A 30 -7.87 1.94 -4.13
N SER A 31 -7.01 2.60 -4.92
CA SER A 31 -6.63 2.09 -6.24
C SER A 31 -5.21 2.54 -6.57
N PHE A 32 -4.53 1.75 -7.39
CA PHE A 32 -3.15 2.06 -7.79
C PHE A 32 -2.89 1.56 -9.22
N ASP A 33 -2.03 2.28 -9.94
CA ASP A 33 -1.71 1.91 -11.32
C ASP A 33 -0.88 0.62 -11.34
N ARG A 34 0.01 0.44 -10.35
CA ARG A 34 0.87 -0.75 -10.24
C ARG A 34 0.95 -1.17 -8.78
N GLY A 35 0.70 -2.46 -8.50
CA GLY A 35 0.74 -3.01 -7.14
C GLY A 35 1.83 -4.07 -7.01
N HIS A 36 2.88 -3.97 -7.83
CA HIS A 36 4.00 -4.93 -7.80
C HIS A 36 5.31 -4.19 -8.11
N VAL A 37 6.38 -4.55 -7.39
CA VAL A 37 7.71 -3.94 -7.57
C VAL A 37 8.75 -5.05 -7.69
N THR A 38 9.93 -4.73 -8.23
CA THR A 38 11.02 -5.70 -8.39
C THR A 38 12.09 -5.45 -7.31
N ILE A 39 12.55 -6.54 -6.67
CA ILE A 39 13.58 -6.48 -5.62
C ILE A 39 14.83 -7.24 -6.07
N VAL A 40 16.01 -6.76 -5.66
CA VAL A 40 17.29 -7.41 -6.04
C VAL A 40 18.16 -7.57 -4.79
N GLY A 41 18.76 -8.76 -4.63
CA GLY A 41 19.63 -9.04 -3.49
C GLY A 41 19.88 -10.54 -3.35
N SER A 42 20.27 -10.96 -2.14
CA SER A 42 20.54 -12.36 -1.87
C SER A 42 19.25 -13.17 -1.95
N GLN A 43 19.36 -14.44 -2.34
CA GLN A 43 18.19 -15.31 -2.47
C GLN A 43 17.56 -15.55 -1.10
N GLU A 44 18.40 -15.70 -0.07
CA GLU A 44 17.90 -15.95 1.28
C GLU A 44 17.04 -14.79 1.77
N ALA A 45 17.46 -13.57 1.44
CA ALA A 45 16.72 -12.38 1.85
C ALA A 45 15.34 -12.34 1.19
N MET A 46 15.29 -12.74 -0.08
CA MET A 46 14.02 -12.75 -0.82
C MET A 46 13.06 -13.79 -0.24
N ASP A 47 13.60 -14.96 0.13
CA ASP A 47 12.78 -16.04 0.67
C ASP A 47 12.17 -15.62 2.01
N LYS A 48 12.82 -14.67 2.70
CA LYS A 48 12.32 -14.17 3.99
C LYS A 48 11.14 -13.23 3.78
N ILE A 49 11.21 -12.43 2.70
CA ILE A 49 10.15 -11.46 2.38
C ILE A 49 9.03 -12.18 1.61
N ASP A 50 7.83 -12.21 2.19
CA ASP A 50 6.66 -12.87 1.56
C ASP A 50 5.76 -11.82 0.91
N SER A 51 5.84 -10.61 1.45
CA SER A 51 5.05 -9.49 0.93
C SER A 51 5.50 -8.19 1.58
N ILE A 52 5.09 -7.07 0.97
CA ILE A 52 5.43 -5.73 1.48
C ILE A 52 4.19 -5.10 2.12
N THR A 53 4.27 -4.79 3.41
CA THR A 53 3.16 -4.15 4.14
C THR A 53 3.30 -2.64 4.01
N VAL A 54 2.19 -1.95 3.71
CA VAL A 54 2.18 -0.49 3.58
C VAL A 54 1.00 0.07 4.38
N PRO A 55 1.15 0.38 5.66
CA PRO A 55 0.03 0.92 6.48
C PRO A 55 -0.16 2.41 6.26
N VAL A 56 -1.43 2.85 6.32
CA VAL A 56 -1.77 4.28 6.13
C VAL A 56 -2.86 4.71 7.12
N ASP A 57 -2.67 5.90 7.70
CA ASP A 57 -3.64 6.46 8.66
C ASP A 57 -4.85 7.00 7.90
N ILE A 58 -6.05 6.55 8.27
CA ILE A 58 -7.30 6.99 7.62
C ILE A 58 -8.11 7.87 8.58
N SER A 59 -7.63 8.04 9.79
CA SER A 59 -8.33 8.85 10.80
C SER A 59 -8.08 10.35 10.60
N GLN A 60 -7.06 10.70 9.79
CA GLN A 60 -6.71 12.11 9.51
C GLN A 60 -7.22 12.54 8.13
N VAL A 61 -7.67 11.57 7.31
CA VAL A 61 -8.17 11.87 5.95
C VAL A 61 -9.70 11.88 5.94
N THR A 62 -10.27 12.94 5.35
CA THR A 62 -11.72 13.08 5.25
C THR A 62 -12.09 13.58 3.86
N GLU A 63 -11.12 13.55 2.94
CA GLU A 63 -11.34 14.04 1.56
C GLU A 63 -10.50 13.24 0.57
N ASP A 64 -11.05 13.05 -0.64
CA ASP A 64 -10.33 12.32 -1.69
C ASP A 64 -8.97 12.98 -1.98
N THR A 65 -7.94 12.16 -2.11
CA THR A 65 -6.58 12.67 -2.38
C THR A 65 -5.66 11.52 -2.80
N SER A 66 -4.39 11.86 -3.02
CA SER A 66 -3.38 10.87 -3.42
C SER A 66 -2.01 11.28 -2.90
N LYS A 67 -1.20 10.28 -2.53
CA LYS A 67 0.15 10.54 -1.99
C LYS A 67 1.12 9.42 -2.39
N THR A 68 2.37 9.81 -2.66
CA THR A 68 3.40 8.84 -3.04
C THR A 68 3.98 8.17 -1.79
N LEU A 69 4.14 6.84 -1.85
CA LEU A 69 4.68 6.06 -0.73
C LEU A 69 5.97 5.34 -1.15
N GLU A 70 7.03 5.48 -0.34
CA GLU A 70 8.32 4.85 -0.62
C GLU A 70 8.40 3.52 0.13
N LEU A 71 8.87 2.49 -0.58
CA LEU A 71 9.01 1.13 -0.02
C LEU A 71 10.49 0.79 0.21
N LYS A 72 10.80 0.24 1.38
CA LYS A 72 12.19 -0.13 1.73
C LYS A 72 12.21 -1.47 2.45
N ALA A 73 13.27 -2.24 2.24
CA ALA A 73 13.43 -3.56 2.85
C ALA A 73 14.90 -3.83 3.11
N GLU A 74 15.21 -4.44 4.26
CA GLU A 74 16.60 -4.72 4.64
C GLU A 74 17.09 -6.06 4.08
N GLY A 75 18.12 -5.95 3.22
CA GLY A 75 18.76 -7.13 2.60
C GLY A 75 18.59 -7.14 1.09
N VAL A 76 17.65 -6.33 0.59
CA VAL A 76 17.39 -6.23 -0.86
C VAL A 76 17.26 -4.77 -1.26
N THR A 77 17.43 -4.49 -2.56
CA THR A 77 17.29 -3.13 -3.09
C THR A 77 15.96 -3.03 -3.85
N VAL A 78 15.02 -2.25 -3.32
CA VAL A 78 13.70 -2.09 -3.95
C VAL A 78 13.76 -0.93 -4.94
N GLN A 79 13.25 -1.13 -6.17
CA GLN A 79 13.27 -0.05 -7.17
C GLN A 79 12.16 -0.26 -8.23
N PRO A 80 11.45 0.76 -8.71
CA PRO A 80 11.60 2.22 -8.31
C PRO A 80 11.10 2.45 -6.87
N SER A 81 10.45 1.43 -6.34
CA SER A 81 9.95 1.46 -4.96
C SER A 81 9.01 2.61 -4.73
N THR A 82 8.46 3.17 -5.80
CA THR A 82 7.51 4.29 -5.74
C THR A 82 6.30 3.93 -6.57
N VAL A 83 5.12 4.29 -6.08
CA VAL A 83 3.85 4.03 -6.77
C VAL A 83 2.86 5.10 -6.36
N LYS A 84 1.88 5.38 -7.22
CA LYS A 84 0.84 6.38 -6.94
C LYS A 84 -0.43 5.65 -6.51
N VAL A 85 -1.05 6.11 -5.43
CA VAL A 85 -2.28 5.52 -4.90
C VAL A 85 -3.35 6.59 -4.68
N ASN A 86 -4.56 6.32 -5.18
CA ASN A 86 -5.68 7.25 -5.05
C ASN A 86 -6.65 6.71 -4.01
N LEU A 87 -6.98 7.53 -2.99
CA LEU A 87 -7.90 7.14 -1.92
C LEU A 87 -9.21 7.89 -2.06
N LYS A 88 -10.28 7.19 -2.45
CA LYS A 88 -11.59 7.81 -2.63
C LYS A 88 -12.40 7.68 -1.35
N VAL A 89 -12.95 8.81 -0.88
CA VAL A 89 -13.76 8.84 0.34
C VAL A 89 -15.24 8.64 0.00
N THR A 90 -15.95 7.83 0.79
CA THR A 90 -17.38 7.59 0.57
C THR A 90 -18.16 8.39 1.62
N GLN A 91 -18.85 9.45 1.20
CA GLN A 91 -19.60 10.30 2.15
C GLN A 91 -20.90 9.60 2.58
N LYS A 92 -21.13 9.53 3.89
CA LYS A 92 -22.36 8.89 4.38
C LYS A 92 -23.59 9.63 3.86
N LEU A 93 -24.27 9.03 2.88
CA LEU A 93 -25.47 9.62 2.28
C LEU A 93 -26.65 9.46 3.26
N GLU A 94 -27.49 10.49 3.36
CA GLU A 94 -28.65 10.46 4.27
C GLU A 94 -28.23 10.06 5.69
N HIS A 95 -27.88 11.06 6.50
CA HIS A 95 -27.47 10.80 7.88
C HIS A 95 -28.65 10.31 8.71
N HIS A 96 -28.62 9.03 9.11
CA HIS A 96 -29.69 8.47 9.91
C HIS A 96 -29.71 9.10 11.30
N HIS A 97 -30.56 10.11 11.47
CA HIS A 97 -30.69 10.80 12.75
C HIS A 97 -31.92 11.73 12.73
N HIS A 98 -32.90 11.41 13.57
CA HIS A 98 -34.13 12.21 13.64
C HIS A 98 -34.97 11.79 14.86
N HIS A 99 -34.72 10.57 15.33
CA HIS A 99 -35.45 10.03 16.49
C HIS A 99 -34.74 8.78 17.03
N HIS A 100 -34.62 8.69 18.35
CA HIS A 100 -33.98 7.54 18.99
C HIS A 100 -34.78 6.27 18.71
N LYS A 1 26.60 -26.72 -14.55
CA LYS A 1 26.50 -25.97 -13.27
C LYS A 1 26.71 -24.50 -13.54
N ILE A 2 25.63 -23.81 -13.92
CA ILE A 2 25.67 -22.38 -14.23
C ILE A 2 24.42 -21.69 -13.67
N SER A 3 24.41 -20.36 -13.75
CA SER A 3 23.27 -19.59 -13.28
C SER A 3 23.42 -18.14 -13.72
N LEU A 4 22.31 -17.40 -13.69
CA LEU A 4 22.30 -16.00 -14.09
C LEU A 4 23.09 -15.17 -13.09
N ARG A 5 23.71 -14.10 -13.57
CA ARG A 5 24.51 -13.23 -12.72
C ARG A 5 23.64 -12.57 -11.65
N LYS A 6 22.99 -11.46 -12.02
CA LYS A 6 22.11 -10.74 -11.10
C LYS A 6 20.74 -11.40 -11.10
N LEU A 7 20.12 -11.44 -9.92
CA LEU A 7 18.79 -12.04 -9.74
C LEU A 7 17.80 -10.95 -9.36
N SER A 8 16.54 -11.21 -9.66
CA SER A 8 15.47 -10.26 -9.38
C SER A 8 14.16 -10.99 -9.21
N LYS A 9 13.25 -10.34 -8.49
CA LYS A 9 11.94 -10.93 -8.22
C LYS A 9 10.92 -9.81 -7.95
N SER A 10 9.64 -10.19 -8.01
CA SER A 10 8.54 -9.25 -7.75
C SER A 10 7.63 -9.85 -6.72
N VAL A 11 7.18 -9.03 -5.76
CA VAL A 11 6.28 -9.47 -4.69
C VAL A 11 5.08 -8.52 -4.55
N PRO A 12 3.88 -9.02 -4.24
CA PRO A 12 2.69 -8.14 -4.07
C PRO A 12 2.74 -7.35 -2.75
N VAL A 13 2.23 -6.12 -2.80
CA VAL A 13 2.19 -5.24 -1.62
C VAL A 13 0.81 -5.34 -0.99
N LYS A 14 0.76 -5.24 0.34
CA LYS A 14 -0.50 -5.31 1.09
C LYS A 14 -0.66 -4.03 1.90
N LEU A 15 -1.90 -3.51 1.95
CA LEU A 15 -2.21 -2.29 2.69
C LEU A 15 -3.13 -2.62 3.85
N GLU A 16 -2.84 -2.04 5.01
CA GLU A 16 -3.64 -2.25 6.22
C GLU A 16 -4.15 -0.91 6.72
N LEU A 17 -5.47 -0.75 6.76
CA LEU A 17 -6.08 0.48 7.21
C LEU A 17 -5.93 0.58 8.73
N THR A 18 -5.38 1.71 9.18
CA THR A 18 -5.17 1.97 10.62
C THR A 18 -5.95 3.21 11.03
N GLY A 19 -6.74 3.07 12.10
CA GLY A 19 -7.55 4.17 12.62
C GLY A 19 -9.02 3.86 12.46
N ASP A 20 -9.84 4.55 13.24
CA ASP A 20 -11.29 4.39 13.17
C ASP A 20 -11.85 5.25 12.05
N LYS A 21 -12.89 4.76 11.39
CA LYS A 21 -13.52 5.49 10.30
C LYS A 21 -14.18 6.76 10.83
N ALA A 22 -14.02 7.85 10.10
CA ALA A 22 -14.60 9.13 10.50
C ALA A 22 -16.14 9.05 10.47
N SER A 23 -16.76 9.97 11.19
CA SER A 23 -18.23 10.02 11.28
C SER A 23 -18.85 10.51 9.96
N ASN A 24 -18.12 11.37 9.23
CA ASN A 24 -18.60 11.92 7.96
C ASN A 24 -18.34 10.96 6.80
N VAL A 25 -17.54 9.93 7.07
CA VAL A 25 -17.19 8.91 6.04
C VAL A 25 -17.89 7.60 6.37
N SER A 26 -18.56 7.04 5.35
CA SER A 26 -19.28 5.77 5.49
C SER A 26 -18.33 4.60 5.22
N SER A 27 -17.48 4.76 4.18
CA SER A 27 -16.53 3.72 3.81
C SER A 27 -15.40 4.31 2.99
N ILE A 28 -14.28 3.58 2.93
CA ILE A 28 -13.09 4.01 2.17
C ILE A 28 -12.59 2.86 1.31
N SER A 29 -12.10 3.22 0.12
CA SER A 29 -11.56 2.25 -0.85
C SER A 29 -10.20 2.73 -1.33
N TYR A 30 -9.39 1.80 -1.84
CA TYR A 30 -8.05 2.10 -2.34
C TYR A 30 -7.75 1.25 -3.58
N SER A 31 -6.89 1.78 -4.43
CA SER A 31 -6.51 1.10 -5.67
C SER A 31 -5.10 1.51 -6.07
N PHE A 32 -4.49 0.73 -6.95
CA PHE A 32 -3.13 1.00 -7.43
C PHE A 32 -3.01 0.61 -8.91
N ASP A 33 -2.17 1.35 -9.63
CA ASP A 33 -1.97 1.09 -11.05
C ASP A 33 -1.15 -0.18 -11.24
N ARG A 34 -0.21 -0.44 -10.31
CA ARG A 34 0.66 -1.63 -10.38
C ARG A 34 0.76 -2.29 -9.02
N GLY A 35 1.09 -1.51 -8.00
CA GLY A 35 1.19 -2.04 -6.64
C GLY A 35 2.20 -3.18 -6.58
N HIS A 36 3.20 -3.16 -7.46
CA HIS A 36 4.25 -4.20 -7.49
C HIS A 36 5.59 -3.54 -7.79
N VAL A 37 6.62 -3.98 -7.06
CA VAL A 37 7.99 -3.45 -7.22
C VAL A 37 8.95 -4.61 -7.39
N THR A 38 10.13 -4.30 -7.91
CA THR A 38 11.17 -5.31 -8.14
C THR A 38 12.24 -5.17 -7.06
N ILE A 39 12.71 -6.32 -6.56
CA ILE A 39 13.74 -6.37 -5.51
C ILE A 39 14.96 -7.11 -6.04
N VAL A 40 16.14 -6.71 -5.56
CA VAL A 40 17.41 -7.32 -5.98
C VAL A 40 18.23 -7.68 -4.75
N GLY A 41 18.79 -8.89 -4.75
CA GLY A 41 19.62 -9.37 -3.64
C GLY A 41 19.76 -10.88 -3.69
N SER A 42 20.09 -11.47 -2.54
CA SER A 42 20.25 -12.92 -2.43
C SER A 42 18.89 -13.60 -2.41
N GLN A 43 18.82 -14.82 -2.92
CA GLN A 43 17.57 -15.58 -2.95
C GLN A 43 17.07 -15.84 -1.53
N GLU A 44 18.00 -15.94 -0.59
CA GLU A 44 17.64 -16.20 0.80
C GLU A 44 16.77 -15.08 1.35
N ALA A 45 17.21 -13.84 1.14
CA ALA A 45 16.47 -12.68 1.61
C ALA A 45 15.09 -12.60 0.95
N MET A 46 15.06 -12.94 -0.34
CA MET A 46 13.80 -12.91 -1.10
C MET A 46 12.83 -13.97 -0.56
N ASP A 47 13.35 -15.14 -0.21
CA ASP A 47 12.52 -16.22 0.29
C ASP A 47 11.83 -15.83 1.59
N LYS A 48 12.49 -14.97 2.37
CA LYS A 48 11.93 -14.50 3.64
C LYS A 48 10.81 -13.48 3.41
N ILE A 49 11.00 -12.64 2.38
CA ILE A 49 10.01 -11.60 2.05
C ILE A 49 8.98 -12.18 1.07
N ASP A 50 7.72 -12.22 1.51
CA ASP A 50 6.61 -12.75 0.69
C ASP A 50 5.71 -11.60 0.24
N SER A 51 5.78 -10.48 0.97
CA SER A 51 4.96 -9.31 0.63
C SER A 51 5.41 -8.12 1.47
N ILE A 52 5.09 -6.90 1.00
CA ILE A 52 5.43 -5.67 1.72
C ILE A 52 4.16 -5.05 2.27
N THR A 53 4.17 -4.75 3.56
CA THR A 53 3.02 -4.14 4.22
C THR A 53 3.13 -2.63 4.12
N VAL A 54 2.05 -1.94 3.71
CA VAL A 54 2.06 -0.48 3.60
C VAL A 54 0.83 0.08 4.36
N PRO A 55 0.97 0.40 5.65
CA PRO A 55 -0.17 0.94 6.44
C PRO A 55 -0.34 2.44 6.22
N VAL A 56 -1.59 2.91 6.30
CA VAL A 56 -1.91 4.32 6.11
C VAL A 56 -3.04 4.74 7.05
N ASP A 57 -2.87 5.91 7.68
CA ASP A 57 -3.87 6.43 8.60
C ASP A 57 -5.05 6.97 7.81
N ILE A 58 -6.27 6.56 8.17
CA ILE A 58 -7.49 7.02 7.49
C ILE A 58 -8.23 8.04 8.36
N SER A 59 -7.79 8.16 9.61
CA SER A 59 -8.44 9.09 10.55
C SER A 59 -8.35 10.52 10.03
N GLN A 60 -7.20 10.90 9.47
CA GLN A 60 -6.98 12.24 8.94
C GLN A 60 -7.48 12.34 7.51
N VAL A 61 -7.93 11.22 6.94
CA VAL A 61 -8.44 11.19 5.56
C VAL A 61 -9.95 11.34 5.58
N THR A 62 -10.45 12.43 4.96
CA THR A 62 -11.89 12.71 4.91
C THR A 62 -12.27 13.13 3.49
N GLU A 63 -11.29 13.13 2.58
CA GLU A 63 -11.54 13.53 1.18
C GLU A 63 -10.63 12.75 0.23
N ASP A 64 -11.06 12.64 -1.02
CA ASP A 64 -10.29 11.91 -2.02
C ASP A 64 -8.95 12.61 -2.27
N THR A 65 -7.89 11.80 -2.36
CA THR A 65 -6.55 12.33 -2.57
C THR A 65 -5.61 11.21 -2.96
N SER A 66 -4.35 11.57 -3.23
CA SER A 66 -3.32 10.59 -3.61
C SER A 66 -1.98 11.02 -3.03
N LYS A 67 -1.21 10.04 -2.54
CA LYS A 67 0.09 10.31 -1.93
C LYS A 67 1.11 9.26 -2.36
N THR A 68 2.35 9.70 -2.55
CA THR A 68 3.43 8.78 -2.94
C THR A 68 3.99 8.11 -1.69
N LEU A 69 4.14 6.79 -1.75
CA LEU A 69 4.68 5.99 -0.63
C LEU A 69 5.95 5.28 -1.07
N GLU A 70 7.00 5.42 -0.25
CA GLU A 70 8.30 4.80 -0.50
C GLU A 70 8.40 3.51 0.30
N LEU A 71 8.92 2.46 -0.33
CA LEU A 71 9.07 1.15 0.29
C LEU A 71 10.55 0.82 0.47
N LYS A 72 10.91 0.29 1.63
CA LYS A 72 12.30 -0.06 1.93
C LYS A 72 12.33 -1.46 2.52
N ALA A 73 13.35 -2.24 2.14
CA ALA A 73 13.51 -3.61 2.62
C ALA A 73 14.98 -3.82 2.98
N GLU A 74 15.20 -4.59 4.04
CA GLU A 74 16.53 -4.88 4.54
C GLU A 74 17.18 -6.07 3.82
N GLY A 75 18.45 -5.88 3.46
CA GLY A 75 19.21 -6.95 2.79
C GLY A 75 19.12 -6.87 1.27
N VAL A 76 17.99 -6.34 0.77
CA VAL A 76 17.77 -6.21 -0.69
C VAL A 76 17.61 -4.74 -1.03
N THR A 77 17.74 -4.42 -2.32
CA THR A 77 17.60 -3.04 -2.81
C THR A 77 16.30 -2.94 -3.60
N VAL A 78 15.37 -2.13 -3.11
CA VAL A 78 14.08 -1.94 -3.75
C VAL A 78 14.17 -0.74 -4.67
N GLN A 79 13.70 -0.90 -5.91
CA GLN A 79 13.72 0.21 -6.84
C GLN A 79 12.67 -0.01 -7.97
N PRO A 80 11.97 1.03 -8.43
CA PRO A 80 12.07 2.44 -7.93
C PRO A 80 11.49 2.55 -6.51
N SER A 81 10.81 1.49 -6.09
CA SER A 81 10.25 1.43 -4.74
C SER A 81 9.23 2.54 -4.53
N THR A 82 8.65 3.05 -5.62
CA THR A 82 7.67 4.14 -5.58
C THR A 82 6.47 3.73 -6.42
N VAL A 83 5.28 4.03 -5.91
CA VAL A 83 4.03 3.72 -6.60
C VAL A 83 2.98 4.72 -6.20
N LYS A 84 2.04 5.01 -7.10
CA LYS A 84 0.95 5.95 -6.84
C LYS A 84 -0.28 5.18 -6.37
N VAL A 85 -0.90 5.65 -5.30
CA VAL A 85 -2.10 5.02 -4.73
C VAL A 85 -3.19 6.08 -4.58
N ASN A 86 -4.40 5.73 -5.02
CA ASN A 86 -5.55 6.63 -4.94
C ASN A 86 -6.50 6.13 -3.86
N LEU A 87 -6.86 7.00 -2.92
CA LEU A 87 -7.76 6.67 -1.81
C LEU A 87 -9.09 7.40 -2.01
N LYS A 88 -10.13 6.67 -2.39
CA LYS A 88 -11.44 7.25 -2.61
C LYS A 88 -12.21 7.20 -1.30
N VAL A 89 -12.77 8.34 -0.91
CA VAL A 89 -13.54 8.44 0.33
C VAL A 89 -15.03 8.54 -0.01
N THR A 90 -15.85 7.75 0.69
CA THR A 90 -17.30 7.75 0.47
C THR A 90 -17.96 8.59 1.56
N GLN A 91 -18.67 9.64 1.15
CA GLN A 91 -19.35 10.54 2.10
C GLN A 91 -20.73 9.97 2.42
N LYS A 92 -21.06 9.96 3.71
CA LYS A 92 -22.33 9.45 4.16
C LYS A 92 -23.44 10.37 3.67
N LEU A 93 -24.53 9.77 3.19
CA LEU A 93 -25.67 10.57 2.71
C LEU A 93 -26.90 9.68 2.54
N GLU A 94 -27.40 9.17 3.65
CA GLU A 94 -28.59 8.30 3.66
C GLU A 94 -29.48 8.62 4.84
N HIS A 95 -30.77 8.35 4.67
CA HIS A 95 -31.74 8.59 5.73
C HIS A 95 -31.46 7.70 6.92
N HIS A 96 -31.98 8.07 8.08
CA HIS A 96 -31.78 7.30 9.30
C HIS A 96 -32.70 7.81 10.40
N HIS A 97 -33.96 7.38 10.36
CA HIS A 97 -34.93 7.79 11.38
C HIS A 97 -34.59 7.15 12.72
N HIS A 98 -35.07 7.76 13.79
CA HIS A 98 -34.83 7.25 15.15
C HIS A 98 -35.83 7.86 16.13
N HIS A 99 -36.01 7.21 17.27
CA HIS A 99 -36.93 7.68 18.29
C HIS A 99 -36.41 8.98 18.89
N HIS A 100 -37.34 9.86 19.27
CA HIS A 100 -36.98 11.16 19.86
C HIS A 100 -38.22 11.82 20.46
N LYS A 1 29.31 -16.47 -7.91
CA LYS A 1 29.22 -15.58 -6.72
C LYS A 1 27.87 -14.87 -6.74
N ILE A 2 27.64 -14.03 -5.72
CA ILE A 2 26.39 -13.28 -5.62
C ILE A 2 26.26 -12.31 -6.80
N SER A 3 27.35 -11.63 -7.13
CA SER A 3 27.34 -10.67 -8.24
C SER A 3 26.95 -11.36 -9.55
N LEU A 4 27.50 -12.54 -9.77
CA LEU A 4 27.21 -13.31 -10.99
C LEU A 4 25.78 -13.82 -10.93
N ARG A 5 25.14 -13.92 -12.11
CA ARG A 5 23.76 -14.39 -12.21
C ARG A 5 22.84 -13.59 -11.30
N LYS A 6 22.49 -12.37 -11.74
CA LYS A 6 21.60 -11.52 -10.96
C LYS A 6 20.23 -12.15 -10.83
N LEU A 7 19.66 -12.11 -9.62
CA LEU A 7 18.34 -12.67 -9.33
C LEU A 7 17.36 -11.55 -9.01
N SER A 8 16.11 -11.75 -9.38
CA SER A 8 15.06 -10.76 -9.13
C SER A 8 13.74 -11.47 -8.89
N LYS A 9 12.87 -10.83 -8.10
CA LYS A 9 11.56 -11.38 -7.76
C LYS A 9 10.56 -10.24 -7.60
N SER A 10 9.29 -10.62 -7.61
CA SER A 10 8.17 -9.68 -7.46
C SER A 10 7.47 -9.91 -6.13
N VAL A 11 7.15 -8.81 -5.44
CA VAL A 11 6.49 -8.84 -4.13
C VAL A 11 5.35 -7.80 -4.14
N PRO A 12 4.10 -8.18 -4.34
CA PRO A 12 2.98 -7.19 -4.33
C PRO A 12 2.91 -6.43 -3.01
N VAL A 13 2.47 -5.17 -3.09
CA VAL A 13 2.35 -4.32 -1.90
C VAL A 13 0.99 -4.57 -1.26
N LYS A 14 0.98 -4.75 0.07
CA LYS A 14 -0.27 -5.01 0.83
C LYS A 14 -0.54 -3.83 1.75
N LEU A 15 -1.72 -3.22 1.61
CA LEU A 15 -2.13 -2.06 2.42
C LEU A 15 -2.98 -2.54 3.60
N GLU A 16 -2.64 -2.05 4.80
CA GLU A 16 -3.37 -2.39 6.03
C GLU A 16 -3.92 -1.10 6.64
N LEU A 17 -5.23 -0.92 6.55
CA LEU A 17 -5.89 0.28 7.08
C LEU A 17 -5.82 0.28 8.61
N THR A 18 -5.37 1.40 9.19
CA THR A 18 -5.24 1.56 10.64
C THR A 18 -5.88 2.88 11.07
N GLY A 19 -6.55 2.86 12.23
CA GLY A 19 -7.22 4.04 12.79
C GLY A 19 -8.73 3.84 12.81
N ASP A 20 -9.45 4.72 13.51
CA ASP A 20 -10.91 4.65 13.57
C ASP A 20 -11.53 5.39 12.38
N LYS A 21 -12.52 4.78 11.74
CA LYS A 21 -13.18 5.39 10.59
C LYS A 21 -13.93 6.66 11.03
N ALA A 22 -13.83 7.73 10.23
CA ALA A 22 -14.49 8.99 10.56
C ALA A 22 -16.01 8.82 10.63
N SER A 23 -16.68 9.88 11.07
CA SER A 23 -18.15 9.86 11.20
C SER A 23 -18.83 10.19 9.88
N ASN A 24 -18.11 10.90 8.98
CA ASN A 24 -18.67 11.29 7.67
C ASN A 24 -18.43 10.22 6.61
N VAL A 25 -17.55 9.24 6.91
CA VAL A 25 -17.20 8.18 5.94
C VAL A 25 -17.90 6.86 6.25
N SER A 26 -18.61 6.32 5.26
CA SER A 26 -19.33 5.05 5.40
C SER A 26 -18.43 3.88 4.99
N SER A 27 -17.53 4.14 4.02
CA SER A 27 -16.61 3.12 3.52
C SER A 27 -15.40 3.77 2.84
N ILE A 28 -14.30 3.01 2.75
CA ILE A 28 -13.05 3.48 2.13
C ILE A 28 -12.59 2.49 1.07
N SER A 29 -12.16 3.00 -0.08
CA SER A 29 -11.65 2.18 -1.20
C SER A 29 -10.32 2.74 -1.67
N TYR A 30 -9.48 1.86 -2.24
CA TYR A 30 -8.16 2.27 -2.74
C TYR A 30 -7.77 1.45 -3.96
N SER A 31 -6.89 2.02 -4.78
CA SER A 31 -6.41 1.37 -6.01
C SER A 31 -4.96 1.74 -6.27
N PHE A 32 -4.29 0.93 -7.09
CA PHE A 32 -2.88 1.15 -7.43
C PHE A 32 -2.65 0.80 -8.91
N ASP A 33 -1.79 1.58 -9.58
CA ASP A 33 -1.49 1.36 -10.99
C ASP A 33 -0.65 0.10 -11.17
N ARG A 34 0.24 -0.19 -10.21
CA ARG A 34 1.14 -1.36 -10.27
C ARG A 34 1.03 -2.18 -8.98
N GLY A 35 1.27 -1.50 -7.86
CA GLY A 35 1.19 -2.15 -6.54
C GLY A 35 2.17 -3.31 -6.44
N HIS A 36 3.23 -3.28 -7.25
CA HIS A 36 4.27 -4.32 -7.24
C HIS A 36 5.61 -3.71 -7.65
N VAL A 37 6.69 -4.11 -6.96
CA VAL A 37 8.04 -3.62 -7.24
C VAL A 37 8.97 -4.81 -7.42
N THR A 38 10.13 -4.55 -8.00
CA THR A 38 11.15 -5.57 -8.23
C THR A 38 12.23 -5.46 -7.15
N ILE A 39 12.60 -6.60 -6.55
CA ILE A 39 13.62 -6.67 -5.49
C ILE A 39 14.82 -7.46 -6.00
N VAL A 40 16.03 -6.92 -5.76
CA VAL A 40 17.29 -7.57 -6.17
C VAL A 40 18.19 -7.77 -4.95
N GLY A 41 18.75 -8.96 -4.81
CA GLY A 41 19.63 -9.28 -3.67
C GLY A 41 19.83 -10.78 -3.52
N SER A 42 20.13 -11.22 -2.30
CA SER A 42 20.33 -12.64 -2.02
C SER A 42 19.01 -13.40 -2.12
N GLN A 43 19.05 -14.64 -2.59
CA GLN A 43 17.84 -15.45 -2.74
C GLN A 43 17.20 -15.69 -1.38
N GLU A 44 18.02 -15.83 -0.34
CA GLU A 44 17.51 -16.08 1.00
C GLU A 44 16.62 -14.93 1.48
N ALA A 45 17.04 -13.70 1.20
CA ALA A 45 16.28 -12.52 1.60
C ALA A 45 14.92 -12.50 0.90
N MET A 46 14.89 -12.92 -0.36
CA MET A 46 13.65 -12.94 -1.14
C MET A 46 12.67 -13.94 -0.54
N ASP A 47 13.18 -15.08 -0.10
CA ASP A 47 12.34 -16.12 0.48
C ASP A 47 11.67 -15.66 1.77
N LYS A 48 12.33 -14.76 2.51
CA LYS A 48 11.76 -14.22 3.76
C LYS A 48 10.64 -13.23 3.45
N ILE A 49 10.85 -12.39 2.44
CA ILE A 49 9.87 -11.37 2.05
C ILE A 49 8.82 -11.98 1.13
N ASP A 50 7.54 -11.99 1.57
CA ASP A 50 6.42 -12.56 0.81
C ASP A 50 5.42 -11.46 0.40
N SER A 51 5.52 -10.32 1.08
CA SER A 51 4.62 -9.18 0.80
C SER A 51 5.05 -7.96 1.62
N ILE A 52 5.14 -6.79 0.98
CA ILE A 52 5.52 -5.56 1.69
C ILE A 52 4.28 -4.96 2.36
N THR A 53 4.34 -4.73 3.67
CA THR A 53 3.23 -4.14 4.43
C THR A 53 3.43 -2.61 4.46
N VAL A 54 2.40 -1.87 4.03
CA VAL A 54 2.45 -0.40 4.01
C VAL A 54 1.14 0.15 4.61
N PRO A 55 1.06 0.42 5.91
CA PRO A 55 -0.20 0.94 6.53
C PRO A 55 -0.34 2.45 6.35
N VAL A 56 -1.59 2.91 6.17
CA VAL A 56 -1.89 4.33 5.97
C VAL A 56 -3.00 4.77 6.93
N ASP A 57 -2.76 5.86 7.66
CA ASP A 57 -3.74 6.40 8.59
C ASP A 57 -4.93 6.96 7.81
N ILE A 58 -6.15 6.49 8.14
CA ILE A 58 -7.38 6.94 7.48
C ILE A 58 -8.10 7.97 8.34
N SER A 59 -7.68 8.09 9.60
CA SER A 59 -8.32 9.01 10.53
C SER A 59 -8.23 10.46 10.04
N GLN A 60 -7.08 10.83 9.44
CA GLN A 60 -6.87 12.19 8.93
C GLN A 60 -7.41 12.30 7.51
N VAL A 61 -7.89 11.19 6.95
CA VAL A 61 -8.44 11.16 5.57
C VAL A 61 -9.95 11.36 5.60
N THR A 62 -10.40 12.52 5.09
CA THR A 62 -11.85 12.86 5.06
C THR A 62 -12.26 13.29 3.67
N GLU A 63 -11.31 13.23 2.72
CA GLU A 63 -11.57 13.62 1.32
C GLU A 63 -10.65 12.87 0.36
N ASP A 64 -11.01 12.87 -0.91
CA ASP A 64 -10.21 12.18 -1.93
C ASP A 64 -8.83 12.85 -2.04
N THR A 65 -7.79 12.02 -2.12
CA THR A 65 -6.41 12.52 -2.24
C THR A 65 -5.47 11.39 -2.66
N SER A 66 -4.20 11.74 -2.84
CA SER A 66 -3.17 10.76 -3.24
C SER A 66 -1.82 11.17 -2.68
N LYS A 67 -1.01 10.18 -2.29
CA LYS A 67 0.33 10.45 -1.71
C LYS A 67 1.33 9.38 -2.17
N THR A 68 2.56 9.82 -2.39
CA THR A 68 3.63 8.90 -2.81
C THR A 68 4.19 8.20 -1.57
N LEU A 69 4.33 6.87 -1.65
CA LEU A 69 4.83 6.06 -0.53
C LEU A 69 6.13 5.36 -0.94
N GLU A 70 7.21 5.65 -0.20
CA GLU A 70 8.53 5.06 -0.48
C GLU A 70 8.62 3.67 0.18
N LEU A 71 9.11 2.68 -0.57
CA LEU A 71 9.25 1.30 -0.07
C LEU A 71 10.72 1.01 0.27
N LYS A 72 10.95 0.41 1.46
CA LYS A 72 12.31 0.08 1.93
C LYS A 72 12.32 -1.33 2.53
N ALA A 73 13.41 -2.09 2.27
CA ALA A 73 13.56 -3.46 2.78
C ALA A 73 15.04 -3.78 2.98
N GLU A 74 15.41 -4.30 4.16
CA GLU A 74 16.82 -4.61 4.44
C GLU A 74 17.19 -6.01 3.94
N GLY A 75 18.09 -6.03 2.95
CA GLY A 75 18.61 -7.29 2.37
C GLY A 75 18.49 -7.29 0.85
N VAL A 76 17.60 -6.46 0.33
CA VAL A 76 17.38 -6.36 -1.14
C VAL A 76 17.31 -4.91 -1.56
N THR A 77 17.51 -4.67 -2.87
CA THR A 77 17.44 -3.32 -3.44
C THR A 77 16.10 -3.16 -4.14
N VAL A 78 15.29 -2.22 -3.65
CA VAL A 78 13.97 -1.93 -4.21
C VAL A 78 14.08 -0.76 -5.20
N GLN A 79 13.51 -0.93 -6.38
CA GLN A 79 13.55 0.14 -7.40
C GLN A 79 12.35 0.00 -8.38
N PRO A 80 11.62 1.06 -8.75
CA PRO A 80 11.84 2.50 -8.33
C PRO A 80 11.44 2.70 -6.85
N SER A 81 10.85 1.65 -6.28
CA SER A 81 10.44 1.65 -4.88
C SER A 81 9.43 2.76 -4.60
N THR A 82 8.80 3.29 -5.65
CA THR A 82 7.78 4.33 -5.54
C THR A 82 6.58 3.95 -6.40
N VAL A 83 5.39 4.21 -5.89
CA VAL A 83 4.13 3.92 -6.60
C VAL A 83 3.11 4.97 -6.21
N LYS A 84 2.12 5.20 -7.09
CA LYS A 84 1.06 6.20 -6.83
C LYS A 84 -0.19 5.48 -6.36
N VAL A 85 -0.82 6.00 -5.30
CA VAL A 85 -2.04 5.40 -4.74
C VAL A 85 -3.11 6.48 -4.53
N ASN A 86 -4.35 6.12 -4.88
CA ASN A 86 -5.51 7.02 -4.75
C ASN A 86 -6.50 6.45 -3.72
N LEU A 87 -6.86 7.28 -2.72
CA LEU A 87 -7.79 6.87 -1.65
C LEU A 87 -9.12 7.61 -1.84
N LYS A 88 -10.16 6.88 -2.24
CA LYS A 88 -11.49 7.48 -2.45
C LYS A 88 -12.31 7.35 -1.17
N VAL A 89 -12.87 8.48 -0.70
CA VAL A 89 -13.69 8.51 0.52
C VAL A 89 -15.17 8.55 0.12
N THR A 90 -16.00 7.70 0.74
CA THR A 90 -17.43 7.62 0.43
C THR A 90 -18.26 8.39 1.45
N GLN A 91 -19.03 9.37 0.98
CA GLN A 91 -19.88 10.20 1.85
C GLN A 91 -21.34 9.73 1.75
N LYS A 92 -21.97 9.47 2.91
CA LYS A 92 -23.39 9.05 2.98
C LYS A 92 -24.13 9.97 3.95
N LEU A 93 -24.83 10.96 3.40
CA LEU A 93 -25.61 11.91 4.19
C LEU A 93 -26.85 11.21 4.73
N GLU A 94 -26.74 10.71 5.96
CA GLU A 94 -27.86 10.01 6.60
C GLU A 94 -29.04 10.96 6.77
N HIS A 95 -28.73 12.25 6.96
CA HIS A 95 -29.76 13.27 7.15
C HIS A 95 -30.73 12.88 8.25
N HIS A 96 -30.32 13.10 9.50
CA HIS A 96 -31.16 12.77 10.65
C HIS A 96 -32.44 13.60 10.64
N HIS A 97 -33.58 12.91 10.71
CA HIS A 97 -34.88 13.58 10.71
C HIS A 97 -35.98 12.58 11.07
N HIS A 98 -36.70 12.85 12.16
CA HIS A 98 -37.78 11.97 12.60
C HIS A 98 -38.93 12.00 11.60
N HIS A 99 -39.25 10.85 10.99
CA HIS A 99 -40.34 10.78 10.01
C HIS A 99 -41.69 10.96 10.72
N HIS A 100 -42.52 11.85 10.20
CA HIS A 100 -43.84 12.11 10.78
C HIS A 100 -44.70 10.87 10.72
N LYS A 1 36.23 -19.17 -15.32
CA LYS A 1 35.77 -19.75 -14.02
C LYS A 1 34.84 -18.74 -13.34
N ILE A 2 35.27 -17.47 -13.33
CA ILE A 2 34.47 -16.42 -12.71
C ILE A 2 33.15 -16.24 -13.46
N SER A 3 32.23 -15.49 -12.85
CA SER A 3 30.92 -15.24 -13.44
C SER A 3 30.33 -13.96 -12.86
N LEU A 4 29.34 -13.39 -13.56
CA LEU A 4 28.69 -12.16 -13.09
C LEU A 4 27.22 -12.19 -13.53
N ARG A 5 26.32 -12.15 -12.55
CA ARG A 5 24.89 -12.17 -12.81
C ARG A 5 24.12 -11.85 -11.54
N LYS A 6 22.88 -11.38 -11.69
CA LYS A 6 22.02 -11.03 -10.55
C LYS A 6 20.61 -11.55 -10.80
N LEU A 7 19.94 -11.99 -9.72
CA LEU A 7 18.58 -12.52 -9.81
C LEU A 7 17.59 -11.43 -9.44
N SER A 8 16.30 -11.75 -9.54
CA SER A 8 15.25 -10.79 -9.22
C SER A 8 13.94 -11.51 -8.92
N LYS A 9 13.09 -10.87 -8.12
CA LYS A 9 11.79 -11.43 -7.72
C LYS A 9 10.77 -10.31 -7.61
N SER A 10 9.51 -10.73 -7.53
CA SER A 10 8.37 -9.81 -7.40
C SER A 10 7.71 -10.02 -6.04
N VAL A 11 7.39 -8.90 -5.36
CA VAL A 11 6.75 -8.90 -4.04
C VAL A 11 5.54 -7.96 -4.07
N PRO A 12 4.32 -8.45 -4.31
CA PRO A 12 3.12 -7.55 -4.33
C PRO A 12 2.96 -6.80 -3.00
N VAL A 13 2.46 -5.57 -3.11
CA VAL A 13 2.24 -4.69 -1.95
C VAL A 13 0.81 -4.85 -1.46
N LYS A 14 0.64 -5.01 -0.13
CA LYS A 14 -0.70 -5.15 0.48
C LYS A 14 -0.97 -3.93 1.36
N LEU A 15 -2.14 -3.31 1.19
CA LEU A 15 -2.52 -2.12 1.97
C LEU A 15 -3.38 -2.54 3.16
N GLU A 16 -3.04 -2.05 4.37
CA GLU A 16 -3.80 -2.37 5.59
C GLU A 16 -4.30 -1.09 6.25
N LEU A 17 -5.61 -0.86 6.18
CA LEU A 17 -6.21 0.32 6.78
C LEU A 17 -6.05 0.27 8.29
N THR A 18 -5.56 1.37 8.88
CA THR A 18 -5.33 1.48 10.33
C THR A 18 -6.02 2.75 10.85
N GLY A 19 -6.72 2.62 11.98
CA GLY A 19 -7.42 3.74 12.63
C GLY A 19 -8.93 3.53 12.58
N ASP A 20 -9.65 4.31 13.39
CA ASP A 20 -11.12 4.23 13.42
C ASP A 20 -11.73 5.12 12.33
N LYS A 21 -12.70 4.58 11.61
CA LYS A 21 -13.36 5.33 10.53
C LYS A 21 -14.08 6.56 11.10
N ALA A 22 -13.95 7.69 10.41
CA ALA A 22 -14.59 8.93 10.87
C ALA A 22 -16.12 8.82 10.83
N SER A 23 -16.79 9.81 11.40
CA SER A 23 -18.26 9.82 11.45
C SER A 23 -18.86 10.31 10.14
N ASN A 24 -18.08 11.09 9.38
CA ASN A 24 -18.54 11.67 8.10
C ASN A 24 -18.32 10.71 6.92
N VAL A 25 -17.56 9.64 7.14
CA VAL A 25 -17.25 8.66 6.07
C VAL A 25 -17.95 7.32 6.32
N SER A 26 -18.67 6.82 5.31
CA SER A 26 -19.38 5.55 5.42
C SER A 26 -18.45 4.38 5.08
N SER A 27 -17.57 4.60 4.10
CA SER A 27 -16.61 3.57 3.66
C SER A 27 -15.46 4.22 2.88
N ILE A 28 -14.33 3.50 2.79
CA ILE A 28 -13.13 3.97 2.07
C ILE A 28 -12.63 2.88 1.13
N SER A 29 -12.21 3.29 -0.07
CA SER A 29 -11.67 2.37 -1.09
C SER A 29 -10.30 2.87 -1.52
N TYR A 30 -9.45 1.95 -2.01
CA TYR A 30 -8.08 2.30 -2.44
C TYR A 30 -7.72 1.52 -3.71
N SER A 31 -6.82 2.09 -4.51
CA SER A 31 -6.38 1.47 -5.76
C SER A 31 -4.96 1.91 -6.09
N PHE A 32 -4.31 1.15 -6.97
CA PHE A 32 -2.92 1.43 -7.39
C PHE A 32 -2.72 1.03 -8.85
N ASP A 33 -1.86 1.77 -9.54
CA ASP A 33 -1.57 1.49 -10.95
C ASP A 33 -0.77 0.19 -11.08
N ARG A 34 0.12 -0.08 -10.11
CA ARG A 34 0.96 -1.29 -10.12
C ARG A 34 1.46 -1.60 -8.70
N GLY A 35 0.68 -2.37 -7.97
CA GLY A 35 1.01 -2.73 -6.58
C GLY A 35 2.07 -3.80 -6.53
N HIS A 36 3.07 -3.74 -7.43
CA HIS A 36 4.17 -4.71 -7.46
C HIS A 36 5.46 -4.01 -7.88
N VAL A 37 6.57 -4.34 -7.20
CA VAL A 37 7.89 -3.75 -7.48
C VAL A 37 8.90 -4.89 -7.66
N THR A 38 10.06 -4.58 -8.25
CA THR A 38 11.11 -5.57 -8.50
C THR A 38 12.24 -5.37 -7.46
N ILE A 39 12.69 -6.49 -6.86
CA ILE A 39 13.75 -6.46 -5.84
C ILE A 39 14.96 -7.28 -6.30
N VAL A 40 16.16 -6.83 -5.91
CA VAL A 40 17.42 -7.50 -6.28
C VAL A 40 18.27 -7.74 -5.03
N GLY A 41 18.84 -8.94 -4.92
CA GLY A 41 19.68 -9.31 -3.77
C GLY A 41 19.83 -10.82 -3.66
N SER A 42 20.15 -11.30 -2.46
CA SER A 42 20.31 -12.73 -2.21
C SER A 42 18.95 -13.43 -2.17
N GLN A 43 18.91 -14.69 -2.60
CA GLN A 43 17.65 -15.46 -2.60
C GLN A 43 17.16 -15.66 -1.18
N GLU A 44 18.08 -15.73 -0.23
CA GLU A 44 17.72 -15.93 1.18
C GLU A 44 16.82 -14.80 1.68
N ALA A 45 17.21 -13.56 1.36
CA ALA A 45 16.43 -12.39 1.77
C ALA A 45 15.08 -12.36 1.07
N MET A 46 15.07 -12.72 -0.22
CA MET A 46 13.83 -12.73 -0.99
C MET A 46 12.87 -13.78 -0.45
N ASP A 47 13.40 -14.94 -0.09
CA ASP A 47 12.58 -16.04 0.43
C ASP A 47 11.93 -15.65 1.77
N LYS A 48 12.61 -14.81 2.55
CA LYS A 48 12.09 -14.36 3.84
C LYS A 48 10.93 -13.38 3.63
N ILE A 49 11.07 -12.52 2.61
CA ILE A 49 10.07 -11.50 2.28
C ILE A 49 9.03 -12.09 1.32
N ASP A 50 7.76 -12.14 1.78
CA ASP A 50 6.65 -12.69 0.97
C ASP A 50 5.84 -11.55 0.35
N SER A 51 5.90 -10.39 0.99
CA SER A 51 5.18 -9.20 0.52
C SER A 51 5.64 -7.98 1.31
N ILE A 52 5.05 -6.82 1.00
CA ILE A 52 5.37 -5.55 1.69
C ILE A 52 4.07 -4.96 2.26
N THR A 53 4.06 -4.72 3.58
CA THR A 53 2.88 -4.13 4.26
C THR A 53 3.08 -2.63 4.37
N VAL A 54 2.08 -1.84 3.94
CA VAL A 54 2.15 -0.37 3.98
C VAL A 54 0.87 0.16 4.65
N PRO A 55 0.85 0.35 5.97
CA PRO A 55 -0.37 0.87 6.67
C PRO A 55 -0.45 2.40 6.61
N VAL A 56 -1.67 2.93 6.49
CA VAL A 56 -1.90 4.39 6.41
C VAL A 56 -3.10 4.80 7.27
N ASP A 57 -2.93 5.89 8.03
CA ASP A 57 -3.99 6.39 8.90
C ASP A 57 -5.15 6.92 8.04
N ILE A 58 -6.38 6.47 8.33
CA ILE A 58 -7.58 6.89 7.59
C ILE A 58 -8.36 7.94 8.38
N SER A 59 -7.98 8.12 9.63
CA SER A 59 -8.67 9.09 10.49
C SER A 59 -8.53 10.51 9.97
N GLN A 60 -7.35 10.87 9.47
CA GLN A 60 -7.08 12.21 8.93
C GLN A 60 -7.55 12.30 7.48
N VAL A 61 -7.97 11.17 6.90
CA VAL A 61 -8.45 11.12 5.50
C VAL A 61 -9.97 11.32 5.47
N THR A 62 -10.41 12.48 4.97
CA THR A 62 -11.85 12.81 4.87
C THR A 62 -12.19 13.35 3.49
N GLU A 63 -11.18 13.38 2.59
CA GLU A 63 -11.37 13.89 1.22
C GLU A 63 -10.55 13.05 0.25
N ASP A 64 -11.01 12.96 -1.00
CA ASP A 64 -10.30 12.19 -2.02
C ASP A 64 -8.93 12.81 -2.30
N THR A 65 -7.90 11.97 -2.37
CA THR A 65 -6.54 12.44 -2.63
C THR A 65 -5.61 11.27 -2.96
N SER A 66 -4.33 11.60 -3.19
CA SER A 66 -3.31 10.59 -3.52
C SER A 66 -2.01 10.89 -2.78
N LYS A 67 -1.28 9.83 -2.42
CA LYS A 67 0.00 9.96 -1.70
C LYS A 67 1.05 9.03 -2.28
N THR A 68 2.29 9.51 -2.36
CA THR A 68 3.41 8.71 -2.86
C THR A 68 4.13 8.13 -1.65
N LEU A 69 4.30 6.80 -1.62
CA LEU A 69 4.95 6.09 -0.49
C LEU A 69 6.17 5.33 -0.98
N GLU A 70 7.29 5.43 -0.24
CA GLU A 70 8.54 4.73 -0.59
C GLU A 70 8.67 3.44 0.22
N LEU A 71 9.13 2.37 -0.43
CA LEU A 71 9.29 1.04 0.20
C LEU A 71 10.77 0.75 0.44
N LYS A 72 11.11 0.30 1.66
CA LYS A 72 12.50 -0.02 2.03
C LYS A 72 12.57 -1.41 2.67
N ALA A 73 13.62 -2.18 2.34
CA ALA A 73 13.81 -3.53 2.88
C ALA A 73 15.31 -3.80 3.04
N GLU A 74 15.72 -4.29 4.22
CA GLU A 74 17.15 -4.55 4.47
C GLU A 74 17.57 -5.93 3.96
N GLY A 75 18.47 -5.91 2.96
CA GLY A 75 19.01 -7.15 2.36
C GLY A 75 18.83 -7.17 0.85
N VAL A 76 17.88 -6.37 0.34
CA VAL A 76 17.60 -6.30 -1.11
C VAL A 76 17.52 -4.84 -1.55
N THR A 77 17.70 -4.60 -2.86
CA THR A 77 17.62 -3.24 -3.42
C THR A 77 16.28 -3.10 -4.13
N VAL A 78 15.40 -2.26 -3.56
CA VAL A 78 14.06 -2.03 -4.14
C VAL A 78 14.12 -0.84 -5.09
N GLN A 79 13.61 -1.00 -6.32
CA GLN A 79 13.62 0.10 -7.31
C GLN A 79 12.49 -0.11 -8.36
N PRO A 80 11.74 0.92 -8.79
CA PRO A 80 11.85 2.37 -8.35
C PRO A 80 11.36 2.53 -6.90
N SER A 81 10.74 1.48 -6.41
CA SER A 81 10.26 1.45 -5.04
C SER A 81 9.25 2.55 -4.74
N THR A 82 8.59 3.07 -5.79
CA THR A 82 7.57 4.12 -5.65
C THR A 82 6.29 3.67 -6.35
N VAL A 83 5.14 3.95 -5.74
CA VAL A 83 3.84 3.59 -6.31
C VAL A 83 2.83 4.66 -5.92
N LYS A 84 1.90 4.97 -6.84
CA LYS A 84 0.86 5.97 -6.57
C LYS A 84 -0.38 5.25 -6.05
N VAL A 85 -0.95 5.75 -4.95
CA VAL A 85 -2.14 5.16 -4.34
C VAL A 85 -3.24 6.23 -4.23
N ASN A 86 -4.38 5.95 -4.86
CA ASN A 86 -5.53 6.88 -4.82
C ASN A 86 -6.54 6.39 -3.77
N LEU A 87 -6.86 7.26 -2.81
CA LEU A 87 -7.81 6.92 -1.72
C LEU A 87 -9.12 7.67 -1.94
N LYS A 88 -10.16 6.97 -2.37
CA LYS A 88 -11.47 7.57 -2.60
C LYS A 88 -12.27 7.53 -1.30
N VAL A 89 -12.84 8.68 -0.91
CA VAL A 89 -13.65 8.80 0.31
C VAL A 89 -15.13 8.85 -0.06
N THR A 90 -15.94 8.03 0.63
CA THR A 90 -17.40 7.98 0.39
C THR A 90 -18.13 8.80 1.45
N GLN A 91 -18.86 9.82 1.03
CA GLN A 91 -19.59 10.69 1.95
C GLN A 91 -20.92 10.05 2.33
N LYS A 92 -21.23 10.03 3.64
CA LYS A 92 -22.47 9.44 4.12
C LYS A 92 -23.69 10.06 3.41
N LEU A 93 -24.70 9.24 3.13
CA LEU A 93 -25.91 9.73 2.46
C LEU A 93 -26.73 10.57 3.43
N GLU A 94 -27.42 11.59 2.89
CA GLU A 94 -28.24 12.48 3.70
C GLU A 94 -29.49 11.75 4.19
N HIS A 95 -29.56 10.45 3.89
CA HIS A 95 -30.71 9.64 4.30
C HIS A 95 -30.86 9.64 5.83
N HIS A 96 -32.09 9.66 6.31
CA HIS A 96 -32.36 9.67 7.75
C HIS A 96 -31.93 8.34 8.37
N HIS A 97 -31.12 8.40 9.42
CA HIS A 97 -30.64 7.19 10.11
C HIS A 97 -30.00 7.56 11.45
N HIS A 98 -30.09 6.65 12.42
CA HIS A 98 -29.51 6.89 13.74
C HIS A 98 -29.52 5.59 14.54
N HIS A 99 -28.45 4.80 14.39
CA HIS A 99 -28.32 3.52 15.11
C HIS A 99 -29.54 2.64 14.87
N HIS A 100 -29.59 1.50 15.55
CA HIS A 100 -30.72 0.56 15.41
C HIS A 100 -32.02 1.23 15.85
N LYS A 1 30.94 -20.60 -17.22
CA LYS A 1 29.80 -21.48 -17.63
C LYS A 1 28.48 -20.79 -17.27
N ILE A 2 28.12 -20.84 -16.00
CA ILE A 2 26.88 -20.21 -15.53
C ILE A 2 26.97 -18.69 -15.68
N SER A 3 28.20 -18.17 -15.69
CA SER A 3 28.44 -16.73 -15.81
C SER A 3 27.81 -15.99 -14.63
N LEU A 4 28.42 -14.88 -14.23
CA LEU A 4 27.90 -14.10 -13.11
C LEU A 4 26.62 -13.40 -13.52
N ARG A 5 25.69 -13.26 -12.57
CA ARG A 5 24.41 -12.61 -12.83
C ARG A 5 23.66 -12.38 -11.52
N LYS A 6 22.93 -11.27 -11.44
CA LYS A 6 22.14 -10.93 -10.25
C LYS A 6 20.73 -11.45 -10.41
N LEU A 7 20.09 -11.79 -9.28
CA LEU A 7 18.73 -12.31 -9.28
C LEU A 7 17.76 -11.15 -9.16
N SER A 8 16.50 -11.39 -9.45
CA SER A 8 15.47 -10.37 -9.36
C SER A 8 14.10 -11.02 -9.30
N LYS A 9 13.22 -10.45 -8.48
CA LYS A 9 11.87 -10.98 -8.28
C LYS A 9 10.92 -9.84 -7.96
N SER A 10 9.62 -10.15 -8.03
CA SER A 10 8.55 -9.17 -7.73
C SER A 10 7.66 -9.73 -6.64
N VAL A 11 7.26 -8.86 -5.68
CA VAL A 11 6.39 -9.27 -4.55
C VAL A 11 5.12 -8.39 -4.52
N PRO A 12 3.97 -8.93 -4.15
CA PRO A 12 2.71 -8.11 -4.10
C PRO A 12 2.71 -7.13 -2.93
N VAL A 13 2.15 -5.93 -3.15
CA VAL A 13 2.07 -4.90 -2.10
C VAL A 13 0.63 -4.85 -1.58
N LYS A 14 0.46 -4.80 -0.25
CA LYS A 14 -0.86 -4.77 0.38
C LYS A 14 -0.94 -3.58 1.33
N LEU A 15 -2.13 -2.99 1.44
CA LEU A 15 -2.37 -1.83 2.31
C LEU A 15 -3.29 -2.24 3.47
N GLU A 16 -2.90 -1.86 4.70
CA GLU A 16 -3.68 -2.17 5.90
C GLU A 16 -4.22 -0.88 6.51
N LEU A 17 -5.54 -0.71 6.49
CA LEU A 17 -6.16 0.49 7.04
C LEU A 17 -6.03 0.48 8.56
N THR A 18 -5.44 1.54 9.12
CA THR A 18 -5.25 1.69 10.58
C THR A 18 -5.98 2.94 11.07
N GLY A 19 -6.69 2.79 12.19
CA GLY A 19 -7.45 3.91 12.80
C GLY A 19 -8.93 3.62 12.76
N ASP A 20 -9.69 4.36 13.56
CA ASP A 20 -11.15 4.19 13.61
C ASP A 20 -11.81 5.02 12.52
N LYS A 21 -12.82 4.46 11.86
CA LYS A 21 -13.52 5.17 10.79
C LYS A 21 -14.26 6.38 11.37
N ALA A 22 -14.10 7.53 10.71
CA ALA A 22 -14.76 8.76 11.17
C ALA A 22 -16.27 8.67 10.98
N SER A 23 -16.97 9.71 11.42
CA SER A 23 -18.44 9.75 11.31
C SER A 23 -18.88 10.27 9.95
N ASN A 24 -17.98 10.95 9.25
CA ASN A 24 -18.28 11.52 7.93
C ASN A 24 -17.98 10.50 6.83
N VAL A 25 -17.13 9.51 7.13
CA VAL A 25 -16.76 8.47 6.14
C VAL A 25 -17.60 7.20 6.34
N SER A 26 -18.25 6.74 5.26
CA SER A 26 -19.08 5.53 5.29
C SER A 26 -18.23 4.32 4.89
N SER A 27 -17.31 4.55 3.94
CA SER A 27 -16.44 3.47 3.44
C SER A 27 -15.22 4.08 2.74
N ILE A 28 -14.13 3.29 2.66
CA ILE A 28 -12.88 3.74 2.01
C ILE A 28 -12.44 2.70 0.98
N SER A 29 -12.01 3.18 -0.20
CA SER A 29 -11.53 2.31 -1.29
C SER A 29 -10.16 2.81 -1.76
N TYR A 30 -9.37 1.89 -2.32
CA TYR A 30 -8.02 2.24 -2.80
C TYR A 30 -7.69 1.43 -4.06
N SER A 31 -6.78 1.97 -4.86
CA SER A 31 -6.37 1.31 -6.11
C SER A 31 -4.94 1.69 -6.45
N PHE A 32 -4.33 0.91 -7.35
CA PHE A 32 -2.95 1.13 -7.77
C PHE A 32 -2.78 0.74 -9.24
N ASP A 33 -1.88 1.45 -9.93
CA ASP A 33 -1.62 1.19 -11.34
C ASP A 33 -0.86 -0.13 -11.51
N ARG A 34 0.02 -0.45 -10.55
CA ARG A 34 0.83 -1.69 -10.60
C ARG A 34 0.80 -2.38 -9.23
N GLY A 35 1.12 -1.62 -8.18
CA GLY A 35 1.10 -2.15 -6.82
C GLY A 35 2.12 -3.29 -6.68
N HIS A 36 3.13 -3.30 -7.55
CA HIS A 36 4.19 -4.33 -7.51
C HIS A 36 5.50 -3.71 -7.98
N VAL A 37 6.61 -4.07 -7.32
CA VAL A 37 7.95 -3.55 -7.66
C VAL A 37 8.95 -4.70 -7.73
N THR A 38 10.13 -4.44 -8.30
CA THR A 38 11.18 -5.45 -8.44
C THR A 38 12.23 -5.26 -7.34
N ILE A 39 12.67 -6.38 -6.74
CA ILE A 39 13.68 -6.36 -5.66
C ILE A 39 14.91 -7.15 -6.10
N VAL A 40 16.09 -6.73 -5.61
CA VAL A 40 17.37 -7.40 -5.95
C VAL A 40 18.17 -7.70 -4.68
N GLY A 41 18.69 -8.92 -4.59
CA GLY A 41 19.47 -9.33 -3.42
C GLY A 41 19.69 -10.84 -3.41
N SER A 42 20.07 -11.36 -2.25
CA SER A 42 20.30 -12.80 -2.09
C SER A 42 18.97 -13.56 -2.07
N GLN A 43 19.02 -14.83 -2.44
CA GLN A 43 17.81 -15.66 -2.47
C GLN A 43 17.22 -15.81 -1.07
N GLU A 44 18.09 -15.92 -0.06
CA GLU A 44 17.64 -16.09 1.31
C GLU A 44 16.88 -14.85 1.78
N ALA A 45 17.35 -13.68 1.38
CA ALA A 45 16.71 -12.42 1.76
C ALA A 45 15.32 -12.30 1.14
N MET A 46 15.21 -12.63 -0.15
CA MET A 46 13.94 -12.57 -0.86
C MET A 46 12.97 -13.62 -0.33
N ASP A 47 13.48 -14.82 -0.04
CA ASP A 47 12.64 -15.91 0.47
C ASP A 47 11.97 -15.53 1.77
N LYS A 48 12.65 -14.71 2.59
CA LYS A 48 12.10 -14.27 3.86
C LYS A 48 10.94 -13.28 3.64
N ILE A 49 11.06 -12.49 2.57
CA ILE A 49 10.03 -11.49 2.23
C ILE A 49 8.94 -12.16 1.38
N ASP A 50 7.69 -12.16 1.88
CA ASP A 50 6.54 -12.77 1.20
C ASP A 50 5.61 -11.68 0.66
N SER A 51 5.71 -10.49 1.26
CA SER A 51 4.89 -9.35 0.86
C SER A 51 5.36 -8.11 1.58
N ILE A 52 4.96 -6.94 1.05
CA ILE A 52 5.31 -5.63 1.64
C ILE A 52 4.06 -5.04 2.30
N THR A 53 4.13 -4.80 3.62
CA THR A 53 3.03 -4.22 4.37
C THR A 53 3.26 -2.71 4.51
N VAL A 54 2.25 -1.90 4.13
CA VAL A 54 2.36 -0.43 4.22
C VAL A 54 1.09 0.13 4.86
N PRO A 55 1.02 0.33 6.17
CA PRO A 55 -0.21 0.85 6.82
C PRO A 55 -0.37 2.35 6.60
N VAL A 56 -1.63 2.80 6.45
CA VAL A 56 -1.95 4.22 6.24
C VAL A 56 -3.08 4.65 7.18
N ASP A 57 -2.86 5.75 7.88
CA ASP A 57 -3.87 6.28 8.81
C ASP A 57 -5.03 6.87 8.01
N ILE A 58 -6.26 6.44 8.33
CA ILE A 58 -7.47 6.93 7.64
C ILE A 58 -8.17 8.01 8.48
N SER A 59 -7.76 8.14 9.74
CA SER A 59 -8.37 9.11 10.64
C SER A 59 -8.25 10.53 10.10
N GLN A 60 -7.09 10.85 9.50
CA GLN A 60 -6.84 12.19 8.94
C GLN A 60 -7.36 12.27 7.50
N VAL A 61 -7.85 11.14 6.96
CA VAL A 61 -8.38 11.09 5.59
C VAL A 61 -9.90 11.32 5.61
N THR A 62 -10.33 12.48 5.10
CA THR A 62 -11.75 12.84 5.05
C THR A 62 -12.14 13.32 3.65
N GLU A 63 -11.19 13.26 2.72
CA GLU A 63 -11.42 13.71 1.34
C GLU A 63 -10.52 12.95 0.38
N ASP A 64 -10.92 12.91 -0.89
CA ASP A 64 -10.14 12.21 -1.92
C ASP A 64 -8.74 12.82 -2.03
N THR A 65 -7.74 11.95 -2.15
CA THR A 65 -6.34 12.39 -2.26
C THR A 65 -5.47 11.25 -2.75
N SER A 66 -4.25 11.58 -3.14
CA SER A 66 -3.28 10.58 -3.63
C SER A 66 -1.90 10.93 -3.14
N LYS A 67 -1.12 9.91 -2.76
CA LYS A 67 0.24 10.13 -2.25
C LYS A 67 1.15 8.95 -2.60
N THR A 68 2.42 9.29 -2.82
CA THR A 68 3.43 8.26 -3.16
C THR A 68 3.90 7.58 -1.89
N LEU A 69 4.01 6.24 -1.94
CA LEU A 69 4.44 5.44 -0.78
C LEU A 69 5.82 4.85 -1.06
N GLU A 70 6.83 5.30 -0.31
CA GLU A 70 8.19 4.79 -0.47
C GLU A 70 8.28 3.40 0.17
N LEU A 71 8.75 2.43 -0.63
CA LEU A 71 8.88 1.03 -0.16
C LEU A 71 10.35 0.72 0.12
N LYS A 72 10.62 0.20 1.31
CA LYS A 72 12.00 -0.15 1.73
C LYS A 72 12.01 -1.54 2.35
N ALA A 73 13.06 -2.32 2.06
CA ALA A 73 13.19 -3.69 2.59
C ALA A 73 14.66 -3.94 2.93
N GLU A 74 14.89 -4.66 4.03
CA GLU A 74 16.25 -4.93 4.50
C GLU A 74 16.89 -6.17 3.83
N GLY A 75 18.15 -5.98 3.42
CA GLY A 75 18.92 -7.05 2.78
C GLY A 75 18.74 -7.07 1.26
N VAL A 76 17.78 -6.26 0.76
CA VAL A 76 17.52 -6.18 -0.69
C VAL A 76 17.39 -4.71 -1.08
N THR A 77 17.53 -4.42 -2.38
CA THR A 77 17.40 -3.03 -2.90
C THR A 77 16.11 -2.94 -3.72
N VAL A 78 15.15 -2.15 -3.23
CA VAL A 78 13.86 -1.99 -3.93
C VAL A 78 13.96 -0.81 -4.90
N GLN A 79 13.50 -0.99 -6.15
CA GLN A 79 13.56 0.11 -7.13
C GLN A 79 12.49 -0.11 -8.25
N PRO A 80 11.79 0.93 -8.73
CA PRO A 80 11.91 2.37 -8.29
C PRO A 80 11.36 2.55 -6.85
N SER A 81 10.67 1.53 -6.39
CA SER A 81 10.13 1.52 -5.03
C SER A 81 9.13 2.65 -4.81
N THR A 82 8.56 3.16 -5.90
CA THR A 82 7.58 4.24 -5.85
C THR A 82 6.38 3.87 -6.72
N VAL A 83 5.19 4.19 -6.22
CA VAL A 83 3.94 3.90 -6.94
C VAL A 83 2.90 4.94 -6.53
N LYS A 84 1.92 5.20 -7.40
CA LYS A 84 0.86 6.17 -7.12
C LYS A 84 -0.37 5.43 -6.62
N VAL A 85 -0.96 5.93 -5.53
CA VAL A 85 -2.15 5.32 -4.94
C VAL A 85 -3.23 6.38 -4.76
N ASN A 86 -4.44 6.06 -5.22
CA ASN A 86 -5.59 6.98 -5.11
C ASN A 86 -6.56 6.45 -4.06
N LEU A 87 -6.88 7.29 -3.06
CA LEU A 87 -7.78 6.91 -1.97
C LEU A 87 -9.10 7.65 -2.12
N LYS A 88 -10.17 6.93 -2.47
CA LYS A 88 -11.49 7.53 -2.63
C LYS A 88 -12.25 7.46 -1.30
N VAL A 89 -12.77 8.60 -0.85
CA VAL A 89 -13.51 8.71 0.41
C VAL A 89 -15.01 8.77 0.11
N THR A 90 -15.80 7.95 0.80
CA THR A 90 -17.26 7.92 0.61
C THR A 90 -17.92 8.75 1.70
N GLN A 91 -18.62 9.82 1.31
CA GLN A 91 -19.29 10.69 2.28
C GLN A 91 -20.54 10.02 2.83
N LYS A 92 -20.74 10.09 4.15
CA LYS A 92 -21.92 9.47 4.79
C LYS A 92 -23.06 10.49 4.84
N LEU A 93 -24.29 10.01 4.58
CA LEU A 93 -25.49 10.87 4.59
C LEU A 93 -26.73 10.05 4.93
N GLU A 94 -26.61 9.25 5.99
CA GLU A 94 -27.72 8.39 6.43
C GLU A 94 -27.64 8.15 7.94
N HIS A 95 -28.76 7.70 8.53
CA HIS A 95 -28.83 7.43 9.96
C HIS A 95 -29.87 6.35 10.24
N HIS A 96 -29.64 5.56 11.29
CA HIS A 96 -30.55 4.48 11.67
C HIS A 96 -31.81 5.05 12.32
N HIS A 97 -31.93 6.38 12.30
CA HIS A 97 -33.07 7.07 12.90
C HIS A 97 -33.21 6.69 14.38
N HIS A 98 -32.85 7.63 15.26
CA HIS A 98 -32.94 7.39 16.70
C HIS A 98 -34.37 7.00 17.10
N HIS A 99 -35.35 7.69 16.51
CA HIS A 99 -36.76 7.40 16.81
C HIS A 99 -37.11 5.97 16.41
N HIS A 100 -37.37 5.12 17.41
CA HIS A 100 -37.72 3.73 17.14
C HIS A 100 -39.04 3.63 16.38
#